data_2W6N
#
_entry.id   2W6N
#
_cell.length_a   84.140
_cell.length_b   105.937
_cell.length_c   122.454
_cell.angle_alpha   90.00
_cell.angle_beta   90.00
_cell.angle_gamma   90.00
#
_symmetry.space_group_name_H-M   'P 21 21 21'
#
loop_
_entity.id
_entity.type
_entity.pdbx_description
1 polymer 'BIOTIN CARBOXYLASE'
2 non-polymer 2-AMINO-N,N-BIS(PHENYLMETHYL)-1,3-OXAZOLE-5-CARBOXAMIDE
3 non-polymer 'CHLORIDE ION'
4 water water
#
_entity_poly.entity_id   1
_entity_poly.type   'polypeptide(L)'
_entity_poly.pdbx_seq_one_letter_code
;MLDKIVIANRGEIALRILRACKELGIKTVAVHSSADRDLKHVLLADETVCIGPAPSVKSYLNIPAIISAAEITGAVAIHP
GYGFLSENANFAEQVERSGFIFIGPKAETIRLMGDKVSAIAAMKKAGVPCVPGSDGPLGDDMDKNRAIAKRIGYPVIIKA
SGGGGGRGMRVVRGDAELAQSISMTRAEAKAAFSNDMVYMEKYLENPRHVEIQVLADGQGNAIYLAERDCSMQRRHQKVV
EEAPAPGITPELRRYIGERCAKACVDIGYRGAGTFEFLFENGEFYFIEMNTRIQVEHPVTEMITGVDLIKEQLRIAAGQP
LSIKQEEVHVRGHAVECRINAEDPNTFLPSPGKITRFHAPGGFGVRWESHIYAGYTVPPYYDSMIGKLICYGENRDVAIA
RMKNALQELIIDGIKTNVDLQIRIMNDENFQHGGTNIHYLEKKLGLQEK
;
_entity_poly.pdbx_strand_id   A,B
#
loop_
_chem_comp.id
_chem_comp.type
_chem_comp.name
_chem_comp.formula
CL non-polymer 'CHLORIDE ION' 'Cl -1'
OA2 non-polymer 2-AMINO-N,N-BIS(PHENYLMETHYL)-1,3-OXAZOLE-5-CARBOXAMIDE 'C18 H17 N3 O2'
#
# COMPACT_ATOMS: atom_id res chain seq x y z
N MET A 1 15.66 17.91 13.23
CA MET A 1 14.70 16.84 13.63
C MET A 1 14.86 16.49 15.10
N LEU A 2 13.74 16.15 15.74
CA LEU A 2 13.69 15.74 17.15
C LEU A 2 14.57 14.51 17.35
N ASP A 3 15.45 14.53 18.34
CA ASP A 3 16.43 13.44 18.51
C ASP A 3 15.78 12.12 18.95
N LYS A 4 14.83 12.23 19.87
CA LYS A 4 14.32 11.07 20.57
C LYS A 4 12.94 11.44 21.11
N ILE A 5 11.96 10.55 20.95
CA ILE A 5 10.66 10.82 21.49
C ILE A 5 10.12 9.63 22.26
N VAL A 6 9.31 9.94 23.27
CA VAL A 6 8.49 8.95 23.97
C VAL A 6 7.17 8.78 23.21
N ILE A 7 6.80 7.53 22.96
CA ILE A 7 5.51 7.18 22.34
C ILE A 7 4.59 6.84 23.51
N ALA A 8 3.77 7.81 23.90
CA ALA A 8 2.92 7.66 25.09
C ALA A 8 1.58 7.02 24.71
N ASN A 9 1.66 5.83 24.14
CA ASN A 9 0.48 5.08 23.74
C ASN A 9 0.88 3.60 23.55
N ARG A 10 -0.01 2.82 22.97
CA ARG A 10 0.14 1.36 22.86
C ARG A 10 -0.49 0.90 21.55
N GLY A 11 -0.39 -0.40 21.29
CA GLY A 11 -1.14 -1.03 20.21
C GLY A 11 -0.80 -0.50 18.83
N GLU A 12 -1.81 -0.43 17.96
CA GLU A 12 -1.57 -0.14 16.56
C GLU A 12 -1.01 1.26 16.38
N ILE A 13 -1.54 2.25 17.10
CA ILE A 13 -1.10 3.64 16.93
C ILE A 13 0.35 3.84 17.39
N ALA A 14 0.76 3.14 18.44
CA ALA A 14 2.15 3.19 18.89
C ALA A 14 3.09 2.69 17.80
N LEU A 15 2.70 1.59 17.14
CA LEU A 15 3.45 1.04 16.02
C LEU A 15 3.48 2.00 14.81
N ARG A 16 2.33 2.61 14.52
CA ARG A 16 2.23 3.65 13.47
C ARG A 16 3.25 4.77 13.71
N ILE A 17 3.29 5.25 14.95
CA ILE A 17 4.17 6.35 15.30
C ILE A 17 5.63 5.91 15.23
N LEU A 18 5.92 4.70 15.70
CA LEU A 18 7.29 4.16 15.69
C LEU A 18 7.81 4.09 14.27
N ARG A 19 6.96 3.66 13.34
CA ARG A 19 7.35 3.61 11.93
C ARG A 19 7.71 4.99 11.39
N ALA A 20 6.86 5.98 11.64
CA ALA A 20 7.12 7.36 11.24
C ALA A 20 8.47 7.87 11.81
N CYS A 21 8.69 7.60 13.09
CA CYS A 21 9.96 7.98 13.75
C CYS A 21 11.17 7.38 13.06
N LYS A 22 11.11 6.07 12.81
CA LYS A 22 12.22 5.35 12.15
C LYS A 22 12.50 5.95 10.78
N GLU A 23 11.45 6.20 10.02
CA GLU A 23 11.61 6.82 8.70
C GLU A 23 12.34 8.17 8.79
N LEU A 24 12.11 8.90 9.87
CA LEU A 24 12.71 10.22 10.05
C LEU A 24 14.02 10.24 10.86
N GLY A 25 14.51 9.07 11.27
CA GLY A 25 15.76 8.98 12.04
C GLY A 25 15.62 9.42 13.49
N ILE A 26 14.40 9.41 14.00
CA ILE A 26 14.11 9.81 15.37
C ILE A 26 14.21 8.57 16.28
N LYS A 27 14.97 8.68 17.37
CA LYS A 27 15.10 7.58 18.33
C LYS A 27 13.78 7.41 19.08
N THR A 28 13.43 6.16 19.41
CA THR A 28 12.16 5.87 20.03
C THR A 28 12.33 5.36 21.45
N VAL A 29 11.43 5.84 22.32
CA VAL A 29 11.26 5.34 23.67
C VAL A 29 9.83 4.82 23.83
N ALA A 30 9.69 3.51 24.02
CA ALA A 30 8.37 2.92 24.21
C ALA A 30 8.12 2.77 25.70
N VAL A 31 7.23 3.61 26.22
CA VAL A 31 6.70 3.42 27.56
C VAL A 31 5.53 2.42 27.50
N HIS A 32 5.50 1.47 28.43
CA HIS A 32 4.48 0.44 28.39
C HIS A 32 4.09 -0.02 29.78
N SER A 33 2.90 -0.58 29.87
CA SER A 33 2.44 -1.22 31.08
C SER A 33 3.12 -2.60 31.18
N SER A 34 3.02 -3.20 32.36
CA SER A 34 3.57 -4.51 32.61
C SER A 34 2.81 -5.57 31.79
N ALA A 35 1.57 -5.28 31.39
CA ALA A 35 0.82 -6.19 30.52
C ALA A 35 1.24 -6.12 29.05
N ASP A 36 2.02 -5.10 28.67
CA ASP A 36 2.27 -4.78 27.28
C ASP A 36 3.75 -4.94 26.91
N ARG A 37 4.45 -5.80 27.65
CA ARG A 37 5.89 -6.03 27.42
C ARG A 37 6.18 -6.59 26.03
N ASP A 38 5.25 -7.37 25.48
CA ASP A 38 5.47 -8.01 24.19
C ASP A 38 4.65 -7.38 23.05
N LEU A 39 4.31 -6.11 23.18
CA LEU A 39 3.75 -5.35 22.06
C LEU A 39 4.81 -5.27 20.96
N LYS A 40 4.36 -5.42 19.71
CA LYS A 40 5.26 -5.31 18.55
C LYS A 40 6.15 -4.06 18.59
N HIS A 41 5.55 -2.89 18.85
CA HIS A 41 6.36 -1.65 18.81
C HIS A 41 7.34 -1.58 19.99
N VAL A 42 6.94 -2.13 21.14
CA VAL A 42 7.86 -2.25 22.29
C VAL A 42 9.10 -3.07 21.91
N LEU A 43 8.88 -4.16 21.19
CA LEU A 43 9.95 -5.06 20.77
C LEU A 43 10.84 -4.44 19.68
N LEU A 44 10.31 -3.48 18.94
CA LEU A 44 11.03 -2.78 17.88
C LEU A 44 11.66 -1.46 18.32
N ALA A 45 11.33 -0.99 19.51
CA ALA A 45 11.76 0.35 19.98
C ALA A 45 13.24 0.38 20.35
N ASP A 46 13.86 1.55 20.29
CA ASP A 46 15.28 1.71 20.62
C ASP A 46 15.50 1.57 22.12
N GLU A 47 14.59 2.13 22.92
CA GLU A 47 14.57 1.97 24.37
C GLU A 47 13.17 1.72 24.85
N THR A 48 13.06 1.01 25.98
CA THR A 48 11.77 0.72 26.60
C THR A 48 11.82 1.05 28.09
N VAL A 49 10.67 1.48 28.61
CA VAL A 49 10.50 1.80 30.02
C VAL A 49 9.14 1.29 30.46
N CYS A 50 9.11 0.36 31.43
CA CYS A 50 7.84 -0.06 32.02
C CYS A 50 7.38 1.02 33.00
N ILE A 51 6.23 1.61 32.74
CA ILE A 51 5.77 2.78 33.50
C ILE A 51 4.73 2.46 34.57
N GLY A 52 4.31 1.21 34.63
CA GLY A 52 3.35 0.81 35.62
C GLY A 52 2.69 -0.51 35.33
N PRO A 53 1.80 -0.93 36.24
CA PRO A 53 1.02 -2.14 36.05
C PRO A 53 -0.06 -1.95 34.97
N ALA A 54 -0.84 -2.99 34.72
CA ALA A 54 -1.77 -3.03 33.60
C ALA A 54 -2.82 -1.93 33.56
N PRO A 55 -3.52 -1.68 34.68
CA PRO A 55 -4.61 -0.70 34.57
C PRO A 55 -4.10 0.67 34.08
N SER A 56 -4.79 1.24 33.10
CA SER A 56 -4.39 2.49 32.47
C SER A 56 -4.09 3.61 33.46
N VAL A 57 -4.84 3.67 34.56
CA VAL A 57 -4.66 4.76 35.52
C VAL A 57 -3.22 4.83 36.05
N LYS A 58 -2.57 3.67 36.17
CA LYS A 58 -1.22 3.60 36.70
C LYS A 58 -0.14 3.43 35.61
N SER A 59 -0.57 3.40 34.34
CA SER A 59 0.35 3.32 33.21
C SER A 59 0.07 4.43 32.18
N TYR A 60 -0.80 4.17 31.20
CA TYR A 60 -0.96 5.10 30.08
C TYR A 60 -1.64 6.42 30.44
N LEU A 61 -2.22 6.53 31.64
CA LEU A 61 -2.74 7.81 32.14
C LEU A 61 -1.89 8.38 33.28
N ASN A 62 -0.76 7.74 33.56
CA ASN A 62 0.13 8.11 34.67
C ASN A 62 1.12 9.19 34.25
N ILE A 63 0.70 10.44 34.46
CA ILE A 63 1.45 11.61 33.97
C ILE A 63 2.88 11.67 34.52
N PRO A 64 3.04 11.57 35.86
CA PRO A 64 4.40 11.56 36.44
C PRO A 64 5.31 10.50 35.85
N ALA A 65 4.77 9.30 35.68
CA ALA A 65 5.54 8.18 35.16
C ALA A 65 5.97 8.41 33.72
N ILE A 66 5.07 8.93 32.89
CA ILE A 66 5.35 9.21 31.49
C ILE A 66 6.40 10.30 31.35
N ILE A 67 6.27 11.36 32.16
CA ILE A 67 7.26 12.45 32.16
C ILE A 67 8.60 12.01 32.73
N SER A 68 8.59 11.19 33.77
CA SER A 68 9.85 10.61 34.28
C SER A 68 10.59 9.78 33.23
N ALA A 69 9.84 9.01 32.45
CA ALA A 69 10.43 8.19 31.39
C ALA A 69 11.12 9.05 30.34
N ALA A 70 10.50 10.17 30.00
CA ALA A 70 11.08 11.15 29.10
C ALA A 70 12.35 11.76 29.67
N GLU A 71 12.31 12.13 30.96
CA GLU A 71 13.50 12.65 31.65
C GLU A 71 14.63 11.62 31.68
N ILE A 72 14.35 10.39 32.12
CA ILE A 72 15.40 9.38 32.31
C ILE A 72 16.11 8.95 31.02
N THR A 73 15.40 8.99 29.89
CA THR A 73 15.93 8.55 28.60
C THR A 73 16.55 9.69 27.79
N GLY A 74 16.35 10.92 28.23
CA GLY A 74 16.85 12.08 27.49
C GLY A 74 16.03 12.35 26.26
N ALA A 75 14.76 11.95 26.28
CA ALA A 75 13.83 12.25 25.17
C ALA A 75 13.48 13.73 25.15
N VAL A 76 13.08 14.25 24.01
CA VAL A 76 12.78 15.69 23.85
C VAL A 76 11.33 16.02 23.61
N ALA A 77 10.53 15.00 23.32
CA ALA A 77 9.12 15.17 22.96
C ALA A 77 8.32 13.93 23.31
N ILE A 78 7.01 14.12 23.38
CA ILE A 78 6.08 13.06 23.73
C ILE A 78 4.95 13.14 22.73
N HIS A 79 4.72 12.04 22.01
CA HIS A 79 3.56 11.88 21.15
C HIS A 79 2.49 11.07 21.91
N PRO A 80 1.31 11.68 22.15
CA PRO A 80 0.21 11.06 22.90
C PRO A 80 -0.71 10.10 22.11
N GLY A 81 -0.50 10.02 20.81
CA GLY A 81 -1.36 9.23 19.94
C GLY A 81 -2.79 9.75 20.00
N TYR A 82 -3.74 8.83 20.09
CA TYR A 82 -5.14 9.13 20.34
C TYR A 82 -5.58 8.42 21.61
N GLY A 83 -6.75 8.78 22.13
CA GLY A 83 -7.19 8.24 23.41
C GLY A 83 -6.31 8.75 24.54
N PHE A 84 -6.31 8.01 25.64
CA PHE A 84 -5.48 8.31 26.83
C PHE A 84 -5.35 9.81 27.16
N LEU A 85 -4.19 10.40 26.97
CA LEU A 85 -3.94 11.78 27.42
C LEU A 85 -3.86 12.76 26.24
N SER A 86 -4.24 12.31 25.04
CA SER A 86 -4.07 13.13 23.84
C SER A 86 -4.91 14.43 23.82
N GLU A 87 -6.05 14.44 24.50
CA GLU A 87 -6.88 15.65 24.60
C GLU A 87 -6.89 16.23 26.02
N ASN A 88 -5.88 15.86 26.81
CA ASN A 88 -5.76 16.32 28.19
C ASN A 88 -4.84 17.55 28.24
N ALA A 89 -5.47 18.72 28.35
CA ALA A 89 -4.74 20.00 28.26
C ALA A 89 -3.76 20.19 29.41
N ASN A 90 -4.16 19.73 30.59
CA ASN A 90 -3.31 19.79 31.75
C ASN A 90 -2.03 18.97 31.56
N PHE A 91 -2.15 17.79 30.94
CA PHE A 91 -0.99 16.96 30.58
C PHE A 91 -0.05 17.70 29.63
N ALA A 92 -0.63 18.24 28.57
CA ALA A 92 0.15 19.00 27.57
C ALA A 92 0.89 20.15 28.23
N GLU A 93 0.20 20.83 29.14
CA GLU A 93 0.79 21.94 29.87
C GLU A 93 1.96 21.47 30.74
N GLN A 94 1.78 20.36 31.45
CA GLN A 94 2.81 19.79 32.32
C GLN A 94 4.02 19.33 31.50
N VAL A 95 3.77 18.74 30.34
CA VAL A 95 4.83 18.30 29.44
C VAL A 95 5.71 19.49 29.02
N GLU A 96 5.06 20.55 28.56
CA GLU A 96 5.76 21.77 28.15
C GLU A 96 6.43 22.50 29.32
N ARG A 97 5.74 22.54 30.47
CA ARG A 97 6.30 23.09 31.71
C ARG A 97 7.54 22.31 32.11
N SER A 98 7.53 21.00 31.86
CA SER A 98 8.66 20.13 32.21
C SER A 98 9.83 20.22 31.22
N GLY A 99 9.61 20.89 30.10
CA GLY A 99 10.65 21.21 29.15
C GLY A 99 10.68 20.33 27.91
N PHE A 100 9.63 19.53 27.72
CA PHE A 100 9.52 18.60 26.59
C PHE A 100 8.54 19.15 25.57
N ILE A 101 8.66 18.71 24.32
CA ILE A 101 7.72 19.10 23.28
C ILE A 101 6.53 18.14 23.31
N PHE A 102 5.33 18.71 23.34
CA PHE A 102 4.10 17.94 23.21
C PHE A 102 3.72 17.93 21.73
N ILE A 103 3.57 16.74 21.16
CA ILE A 103 3.20 16.65 19.75
C ILE A 103 1.70 16.86 19.65
N GLY A 104 1.36 18.12 19.45
CA GLY A 104 -0.02 18.57 19.42
C GLY A 104 -0.07 20.07 19.39
N PRO A 105 -1.27 20.64 19.51
CA PRO A 105 -1.36 22.09 19.55
C PRO A 105 -0.86 22.62 20.90
N LYS A 106 -0.93 23.93 21.06
CA LYS A 106 -0.73 24.55 22.35
C LYS A 106 -1.80 24.05 23.32
N ALA A 107 -1.42 23.89 24.59
CA ALA A 107 -2.36 23.45 25.64
C ALA A 107 -3.65 24.28 25.66
N GLU A 108 -3.52 25.60 25.50
CA GLU A 108 -4.69 26.50 25.47
C GLU A 108 -5.65 26.15 24.34
N THR A 109 -5.10 25.71 23.21
CA THR A 109 -5.90 25.29 22.06
C THR A 109 -6.64 23.96 22.37
N ILE A 110 -5.94 23.02 22.99
CA ILE A 110 -6.55 21.78 23.43
C ILE A 110 -7.72 22.10 24.36
N ARG A 111 -7.48 22.99 25.32
CA ARG A 111 -8.50 23.40 26.28
C ARG A 111 -9.68 24.07 25.59
N LEU A 112 -9.40 24.90 24.60
CA LEU A 112 -10.45 25.57 23.85
C LEU A 112 -11.38 24.55 23.16
N MET A 113 -10.81 23.56 22.47
CA MET A 113 -11.59 22.56 21.74
C MET A 113 -12.30 21.58 22.65
N GLY A 114 -11.73 21.38 23.84
CA GLY A 114 -12.36 20.57 24.87
C GLY A 114 -13.59 21.23 25.53
N ASP A 115 -13.77 22.52 25.29
CA ASP A 115 -14.89 23.30 25.80
C ASP A 115 -15.77 23.53 24.59
N LYS A 116 -16.81 22.71 24.44
CA LYS A 116 -17.54 22.66 23.18
C LYS A 116 -18.25 23.98 22.90
N VAL A 117 -18.71 24.64 23.96
CA VAL A 117 -19.36 25.95 23.82
C VAL A 117 -18.35 26.99 23.30
N SER A 118 -17.20 27.11 23.95
CA SER A 118 -16.22 28.09 23.52
C SER A 118 -15.67 27.76 22.11
N ALA A 119 -15.55 26.47 21.79
CA ALA A 119 -15.08 26.03 20.47
C ALA A 119 -16.04 26.48 19.37
N ILE A 120 -17.33 26.23 19.58
CA ILE A 120 -18.37 26.66 18.63
C ILE A 120 -18.32 28.19 18.41
N ALA A 121 -18.24 28.97 19.49
CA ALA A 121 -18.14 30.42 19.42
C ALA A 121 -16.92 30.84 18.57
N ALA A 122 -15.79 30.18 18.79
CA ALA A 122 -14.58 30.49 18.04
C ALA A 122 -14.73 30.17 16.55
N MET A 123 -15.25 28.99 16.25
CA MET A 123 -15.49 28.58 14.85
C MET A 123 -16.53 29.47 14.15
N LYS A 124 -17.60 29.82 14.85
CA LYS A 124 -18.64 30.68 14.29
C LYS A 124 -18.07 32.08 13.98
N LYS A 125 -17.31 32.63 14.93
CA LYS A 125 -16.59 33.88 14.70
C LYS A 125 -15.68 33.81 13.48
N ALA A 126 -15.01 32.67 13.29
CA ALA A 126 -14.06 32.49 12.19
C ALA A 126 -14.74 32.28 10.83
N GLY A 127 -16.05 32.08 10.83
CA GLY A 127 -16.79 31.88 9.59
C GLY A 127 -17.12 30.43 9.23
N VAL A 128 -16.92 29.50 10.15
CA VAL A 128 -17.28 28.10 9.93
C VAL A 128 -18.75 27.93 10.27
N PRO A 129 -19.51 27.25 9.38
CA PRO A 129 -20.94 27.02 9.66
C PRO A 129 -21.15 26.05 10.81
N CYS A 130 -21.98 26.45 11.78
CA CYS A 130 -22.29 25.64 12.96
C CYS A 130 -23.78 25.30 12.98
N VAL A 131 -24.16 24.39 13.87
CA VAL A 131 -25.57 24.00 14.01
C VAL A 131 -26.33 25.17 14.65
N PRO A 132 -27.50 25.54 14.12
CA PRO A 132 -28.29 26.51 14.88
C PRO A 132 -28.45 26.05 16.34
N GLY A 133 -28.23 26.96 17.28
CA GLY A 133 -28.19 26.60 18.70
C GLY A 133 -28.24 27.77 19.65
N SER A 134 -27.94 27.50 20.92
CA SER A 134 -28.05 28.51 21.98
C SER A 134 -26.96 29.58 21.95
N ASP A 135 -25.85 29.31 21.27
CA ASP A 135 -24.70 30.22 21.27
C ASP A 135 -24.38 30.69 22.71
N GLY A 136 -24.26 29.71 23.57
CA GLY A 136 -23.85 29.94 24.94
C GLY A 136 -24.43 28.85 25.81
N PRO A 137 -23.99 28.82 27.07
CA PRO A 137 -24.45 27.84 28.04
C PRO A 137 -25.90 28.11 28.46
N LEU A 138 -26.64 27.04 28.76
CA LEU A 138 -28.00 27.18 29.29
C LEU A 138 -27.99 27.41 30.78
N GLY A 139 -28.83 28.32 31.26
CA GLY A 139 -28.92 28.60 32.68
C GLY A 139 -30.04 27.80 33.29
N ASP A 140 -30.49 28.20 34.47
CA ASP A 140 -31.55 27.49 35.20
C ASP A 140 -32.94 28.08 34.97
N ASP A 141 -33.03 29.17 34.21
CA ASP A 141 -34.29 29.83 33.91
C ASP A 141 -35.01 29.07 32.80
N MET A 142 -36.00 28.25 33.16
CA MET A 142 -36.72 27.42 32.18
C MET A 142 -37.63 28.19 31.22
N ASP A 143 -38.02 29.41 31.58
CA ASP A 143 -38.72 30.29 30.65
C ASP A 143 -37.75 30.69 29.53
N LYS A 144 -36.55 31.09 29.91
CA LYS A 144 -35.50 31.39 28.93
C LYS A 144 -35.14 30.17 28.07
N ASN A 145 -35.02 29.00 28.69
CA ASN A 145 -34.70 27.78 27.95
C ASN A 145 -35.78 27.36 26.95
N ARG A 146 -37.05 27.49 27.34
CA ARG A 146 -38.14 27.24 26.41
C ARG A 146 -38.08 28.22 25.23
N ALA A 147 -37.80 29.49 25.53
CA ALA A 147 -37.65 30.52 24.50
C ALA A 147 -36.53 30.18 23.51
N ILE A 148 -35.39 29.70 24.02
CA ILE A 148 -34.31 29.27 23.12
C ILE A 148 -34.77 28.11 22.25
N ALA A 149 -35.45 27.14 22.86
CA ALA A 149 -35.94 25.98 22.10
C ALA A 149 -36.94 26.37 21.01
N LYS A 150 -37.85 27.29 21.33
CA LYS A 150 -38.81 27.80 20.35
C LYS A 150 -38.10 28.49 19.16
N ARG A 151 -37.09 29.29 19.46
CA ARG A 151 -36.35 30.03 18.44
C ARG A 151 -35.64 29.07 17.47
N ILE A 152 -35.00 28.05 18.03
CA ILE A 152 -34.34 27.01 17.24
C ILE A 152 -35.39 26.16 16.54
N GLY A 153 -36.47 25.87 17.24
CA GLY A 153 -37.51 24.98 16.76
C GLY A 153 -37.23 23.53 17.09
N TYR A 154 -38.19 22.85 17.76
CA TYR A 154 -38.04 21.43 18.08
C TYR A 154 -37.99 20.59 16.80
N PRO A 155 -37.32 19.43 16.85
CA PRO A 155 -36.56 18.83 17.95
C PRO A 155 -35.23 19.55 18.21
N VAL A 156 -34.82 19.57 19.46
CA VAL A 156 -33.52 20.12 19.85
C VAL A 156 -32.76 19.02 20.58
N ILE A 157 -31.50 19.29 20.88
CA ILE A 157 -30.68 18.34 21.60
C ILE A 157 -29.86 19.13 22.62
N ILE A 158 -29.81 18.60 23.83
CA ILE A 158 -29.04 19.19 24.93
C ILE A 158 -27.72 18.43 24.97
N LYS A 159 -26.61 19.16 24.97
CA LYS A 159 -25.27 18.58 24.96
C LYS A 159 -24.44 19.15 26.10
N ALA A 160 -23.49 18.37 26.60
CA ALA A 160 -22.57 18.80 27.63
C ALA A 160 -21.35 19.49 27.00
N SER A 161 -21.01 20.68 27.49
CA SER A 161 -19.83 21.39 27.00
C SER A 161 -18.54 20.60 27.21
N GLY A 162 -18.44 19.89 28.34
CA GLY A 162 -17.27 19.07 28.64
C GLY A 162 -17.30 17.68 28.01
N GLY A 163 -18.36 17.39 27.24
CA GLY A 163 -18.56 16.11 26.59
C GLY A 163 -18.04 16.11 25.17
N GLY A 164 -18.66 15.31 24.30
CA GLY A 164 -18.20 15.11 22.93
C GLY A 164 -18.04 13.63 22.59
N GLY A 165 -17.84 13.35 21.30
CA GLY A 165 -17.76 11.97 20.82
C GLY A 165 -19.05 11.22 21.01
N GLY A 166 -20.18 11.91 20.84
CA GLY A 166 -21.50 11.33 21.05
C GLY A 166 -21.91 11.14 22.50
N ARG A 167 -21.08 11.58 23.44
CA ARG A 167 -21.35 11.37 24.87
C ARG A 167 -21.91 12.60 25.58
N GLY A 168 -22.89 12.35 26.46
CA GLY A 168 -23.47 13.38 27.33
C GLY A 168 -24.54 14.22 26.67
N MET A 169 -25.42 13.59 25.89
CA MET A 169 -26.43 14.35 25.15
C MET A 169 -27.78 13.66 25.14
N ARG A 170 -28.83 14.45 24.96
CA ARG A 170 -30.17 13.89 24.81
C ARG A 170 -31.12 14.78 24.05
N VAL A 171 -31.96 14.13 23.26
CA VAL A 171 -32.85 14.76 22.31
C VAL A 171 -34.15 15.13 23.00
N VAL A 172 -34.67 16.31 22.67
CA VAL A 172 -35.93 16.81 23.23
C VAL A 172 -36.89 17.16 22.09
N ARG A 173 -38.09 16.60 22.12
CA ARG A 173 -39.04 16.80 21.02
C ARG A 173 -40.19 17.75 21.36
N GLY A 174 -40.22 18.21 22.61
CA GLY A 174 -41.18 19.23 23.01
C GLY A 174 -40.91 19.79 24.38
N ASP A 175 -41.66 20.84 24.71
CA ASP A 175 -41.57 21.54 26.00
C ASP A 175 -41.70 20.62 27.20
N ALA A 176 -42.60 19.63 27.11
CA ALA A 176 -42.91 18.75 28.24
C ALA A 176 -41.66 18.04 28.77
N GLU A 177 -40.73 17.69 27.88
CA GLU A 177 -39.52 16.97 28.26
C GLU A 177 -38.29 17.87 28.46
N LEU A 178 -38.40 19.17 28.20
CA LEU A 178 -37.23 20.06 28.21
C LEU A 178 -36.53 20.19 29.58
N ALA A 179 -37.29 20.51 30.62
CA ALA A 179 -36.71 20.77 31.93
C ALA A 179 -35.93 19.55 32.44
N GLN A 180 -36.62 18.41 32.50
CA GLN A 180 -36.01 17.16 32.97
C GLN A 180 -34.81 16.75 32.12
N SER A 181 -34.91 16.95 30.81
CA SER A 181 -33.81 16.64 29.90
C SER A 181 -32.58 17.48 30.20
N ILE A 182 -32.78 18.78 30.40
CA ILE A 182 -31.66 19.66 30.75
C ILE A 182 -31.10 19.23 32.11
N SER A 183 -31.99 19.01 33.07
CA SER A 183 -31.61 18.61 34.43
C SER A 183 -30.76 17.32 34.44
N MET A 184 -31.20 16.34 33.67
CA MET A 184 -30.50 15.07 33.59
C MET A 184 -29.15 15.16 32.87
N THR A 185 -29.11 15.89 31.75
CA THR A 185 -27.85 16.06 31.00
C THR A 185 -26.83 16.78 31.88
N ARG A 186 -27.30 17.77 32.62
CA ARG A 186 -26.48 18.52 33.55
C ARG A 186 -25.90 17.63 34.67
N ALA A 187 -26.76 16.82 35.29
CA ALA A 187 -26.35 15.92 36.36
C ALA A 187 -25.28 14.94 35.88
N GLU A 188 -25.54 14.34 34.71
CA GLU A 188 -24.62 13.38 34.09
C GLU A 188 -23.30 14.04 33.70
N ALA A 189 -23.34 15.28 33.23
CA ALA A 189 -22.12 16.01 32.87
C ALA A 189 -21.28 16.31 34.10
N LYS A 190 -21.95 16.72 35.19
CA LYS A 190 -21.25 16.98 36.44
C LYS A 190 -20.54 15.71 36.94
N ALA A 191 -21.22 14.56 36.84
CA ALA A 191 -20.68 13.30 37.33
C ALA A 191 -19.52 12.81 36.47
N ALA A 192 -19.65 12.97 35.15
CA ALA A 192 -18.68 12.41 34.19
C ALA A 192 -17.52 13.35 33.85
N PHE A 193 -17.77 14.65 33.79
CA PHE A 193 -16.76 15.62 33.39
C PHE A 193 -16.39 16.64 34.47
N SER A 194 -16.95 16.50 35.68
CA SER A 194 -16.89 17.56 36.71
C SER A 194 -17.13 18.96 36.10
N ASN A 195 -18.11 19.03 35.19
CA ASN A 195 -18.44 20.26 34.47
C ASN A 195 -19.91 20.16 34.09
N ASP A 196 -20.77 20.91 34.78
CA ASP A 196 -22.20 20.81 34.56
C ASP A 196 -22.72 21.77 33.48
N MET A 197 -21.82 22.38 32.70
CA MET A 197 -22.25 23.29 31.64
C MET A 197 -22.90 22.53 30.49
N VAL A 198 -24.05 23.02 30.03
CA VAL A 198 -24.73 22.44 28.88
C VAL A 198 -25.15 23.48 27.88
N TYR A 199 -25.42 23.03 26.66
CA TYR A 199 -25.88 23.90 25.59
C TYR A 199 -26.94 23.21 24.76
N MET A 200 -27.54 23.96 23.83
CA MET A 200 -28.58 23.44 22.99
C MET A 200 -28.25 23.61 21.51
N GLU A 201 -28.60 22.60 20.71
CA GLU A 201 -28.57 22.67 19.26
C GLU A 201 -29.89 22.17 18.68
N LYS A 202 -30.17 22.62 17.47
CA LYS A 202 -31.18 21.98 16.63
C LYS A 202 -30.76 20.52 16.45
N TYR A 203 -31.70 19.60 16.66
CA TYR A 203 -31.43 18.19 16.45
C TYR A 203 -31.57 17.89 14.98
N LEU A 204 -30.54 17.29 14.39
CA LEU A 204 -30.58 16.85 13.00
C LEU A 204 -30.93 15.37 12.98
N GLU A 205 -31.99 15.00 12.26
CA GLU A 205 -32.56 13.64 12.38
C GLU A 205 -31.73 12.55 11.73
N ASN A 206 -31.26 12.80 10.51
CA ASN A 206 -30.57 11.79 9.71
C ASN A 206 -29.33 12.34 9.00
N PRO A 207 -28.37 12.87 9.78
CA PRO A 207 -27.18 13.43 9.17
C PRO A 207 -26.14 12.36 8.85
N ARG A 208 -25.19 12.72 8.01
CA ARG A 208 -23.96 11.97 7.86
C ARG A 208 -22.89 12.64 8.73
N HIS A 209 -21.93 11.87 9.21
CA HIS A 209 -20.81 12.36 9.98
C HIS A 209 -19.61 12.52 9.05
N VAL A 210 -19.27 13.78 8.75
CA VAL A 210 -18.24 14.10 7.79
C VAL A 210 -17.26 15.06 8.48
N GLU A 211 -15.98 14.72 8.42
CA GLU A 211 -14.95 15.47 9.13
C GLU A 211 -13.81 15.87 8.19
N ILE A 212 -13.22 17.03 8.45
CA ILE A 212 -12.16 17.59 7.61
C ILE A 212 -10.83 17.50 8.35
N GLN A 213 -9.83 16.93 7.68
CA GLN A 213 -8.46 16.87 8.21
C GLN A 213 -7.73 18.16 7.88
N VAL A 214 -7.12 18.77 8.89
CA VAL A 214 -6.22 19.90 8.68
C VAL A 214 -4.81 19.61 9.18
N LEU A 215 -3.87 20.39 8.68
CA LEU A 215 -2.50 20.45 9.20
C LEU A 215 -2.11 21.91 9.25
N ALA A 216 -1.50 22.34 10.35
CA ALA A 216 -0.97 23.70 10.45
C ALA A 216 0.44 23.69 11.06
N ASP A 217 1.31 24.56 10.56
CA ASP A 217 2.68 24.61 11.05
C ASP A 217 2.88 25.85 11.91
N GLY A 218 4.09 26.06 12.39
CA GLY A 218 4.42 27.24 13.20
C GLY A 218 4.90 28.41 12.36
N GLN A 219 4.89 28.25 11.03
CA GLN A 219 5.23 29.29 10.06
C GLN A 219 4.00 29.99 9.46
N GLY A 220 2.81 29.67 9.97
CA GLY A 220 1.57 30.30 9.54
C GLY A 220 0.84 29.61 8.41
N ASN A 221 1.37 28.48 7.95
CA ASN A 221 0.67 27.72 6.91
C ASN A 221 -0.37 26.79 7.55
N ALA A 222 -1.52 26.71 6.92
CA ALA A 222 -2.59 25.81 7.35
C ALA A 222 -3.28 25.31 6.09
N ILE A 223 -3.40 23.98 5.97
CA ILE A 223 -4.03 23.34 4.82
C ILE A 223 -5.11 22.37 5.26
N TYR A 224 -6.02 22.04 4.34
CA TYR A 224 -7.02 20.99 4.55
C TYR A 224 -6.71 19.84 3.61
N LEU A 225 -6.97 18.63 4.08
CA LEU A 225 -6.68 17.41 3.32
C LEU A 225 -7.97 16.62 3.16
N ALA A 226 -8.92 17.27 2.50
CA ALA A 226 -10.21 16.67 2.16
C ALA A 226 -10.94 16.19 3.41
N GLU A 227 -11.87 15.27 3.22
CA GLU A 227 -12.80 14.88 4.27
C GLU A 227 -12.84 13.37 4.38
N ARG A 228 -13.47 12.91 5.46
CA ARG A 228 -13.78 11.51 5.69
C ARG A 228 -15.24 11.37 6.09
N ASP A 229 -15.91 10.37 5.54
CA ASP A 229 -17.23 9.99 6.05
C ASP A 229 -17.07 8.89 7.07
N CYS A 230 -17.53 9.14 8.29
CA CYS A 230 -17.46 8.18 9.38
C CYS A 230 -18.85 7.76 9.88
N SER A 231 -19.84 7.82 9.00
CA SER A 231 -21.23 7.58 9.35
C SER A 231 -21.54 6.12 9.75
N MET A 232 -20.76 5.16 9.27
CA MET A 232 -21.00 3.76 9.58
C MET A 232 -20.45 3.48 10.96
N GLN A 233 -21.32 3.56 11.95
CA GLN A 233 -20.94 3.56 13.34
C GLN A 233 -22.04 2.94 14.21
N ARG A 234 -21.66 2.55 15.42
CA ARG A 234 -22.60 1.92 16.35
C ARG A 234 -22.38 2.54 17.72
N ARG A 235 -23.42 3.15 18.26
CA ARG A 235 -23.40 3.71 19.59
C ARG A 235 -22.17 4.59 19.84
N HIS A 236 -22.03 5.62 19.01
CA HIS A 236 -20.86 6.51 18.98
C HIS A 236 -19.49 5.80 18.97
N GLN A 237 -19.42 4.70 18.23
CA GLN A 237 -18.17 4.02 17.97
C GLN A 237 -18.08 3.80 16.45
N LYS A 238 -17.11 4.43 15.80
CA LYS A 238 -16.92 4.26 14.34
C LYS A 238 -16.58 2.80 14.03
N VAL A 239 -17.03 2.35 12.87
CA VAL A 239 -16.86 0.96 12.45
C VAL A 239 -16.16 0.90 11.10
N VAL A 240 -16.67 1.67 10.14
CA VAL A 240 -16.04 1.88 8.84
C VAL A 240 -15.90 3.38 8.60
N GLU A 241 -14.74 3.79 8.07
CA GLU A 241 -14.54 5.16 7.62
C GLU A 241 -14.06 5.16 6.18
N GLU A 242 -14.40 6.21 5.44
CA GLU A 242 -13.91 6.32 4.07
C GLU A 242 -13.56 7.74 3.69
N ALA A 243 -12.73 7.87 2.65
CA ALA A 243 -12.36 9.16 2.09
C ALA A 243 -12.19 9.01 0.57
N PRO A 244 -12.59 10.03 -0.21
CA PRO A 244 -13.38 11.18 0.21
C PRO A 244 -14.81 10.72 0.55
N ALA A 245 -15.67 11.65 0.93
CA ALA A 245 -17.04 11.32 1.31
C ALA A 245 -17.89 11.31 0.04
N PRO A 246 -18.60 10.20 -0.22
CA PRO A 246 -19.45 10.11 -1.41
C PRO A 246 -20.46 11.27 -1.57
N GLY A 247 -20.63 11.74 -2.80
CA GLY A 247 -21.54 12.84 -3.10
C GLY A 247 -21.01 14.24 -2.84
N ILE A 248 -19.87 14.34 -2.15
CA ILE A 248 -19.22 15.63 -1.92
C ILE A 248 -18.47 16.04 -3.19
N THR A 249 -18.88 17.18 -3.75
CA THR A 249 -18.28 17.71 -4.97
C THR A 249 -16.98 18.42 -4.62
N PRO A 250 -16.07 18.57 -5.60
CA PRO A 250 -14.89 19.40 -5.37
C PRO A 250 -15.20 20.84 -4.93
N GLU A 251 -16.35 21.38 -5.35
CA GLU A 251 -16.75 22.74 -4.97
C GLU A 251 -17.14 22.83 -3.48
N LEU A 252 -17.92 21.85 -3.01
CA LEU A 252 -18.25 21.77 -1.58
C LEU A 252 -17.01 21.51 -0.72
N ARG A 253 -16.16 20.59 -1.18
CA ARG A 253 -14.90 20.29 -0.50
C ARG A 253 -14.09 21.56 -0.29
N ARG A 254 -13.87 22.28 -1.38
CA ARG A 254 -13.14 23.54 -1.36
C ARG A 254 -13.79 24.55 -0.40
N TYR A 255 -15.12 24.69 -0.50
CA TYR A 255 -15.85 25.63 0.34
C TYR A 255 -15.59 25.40 1.82
N ILE A 256 -15.85 24.17 2.26
CA ILE A 256 -15.75 23.84 3.69
C ILE A 256 -14.28 23.73 4.13
N GLY A 257 -13.43 23.19 3.28
CA GLY A 257 -12.01 23.10 3.56
C GLY A 257 -11.38 24.46 3.83
N GLU A 258 -11.64 25.44 2.96
CA GLU A 258 -11.06 26.78 3.09
C GLU A 258 -11.47 27.45 4.40
N ARG A 259 -12.71 27.24 4.79
CA ARG A 259 -13.21 27.77 6.06
C ARG A 259 -12.52 27.14 7.27
N CYS A 260 -12.23 25.85 7.18
CA CYS A 260 -11.51 25.14 8.25
C CYS A 260 -10.07 25.63 8.36
N ALA A 261 -9.39 25.78 7.23
CA ALA A 261 -8.03 26.28 7.23
C ALA A 261 -8.00 27.75 7.72
N LYS A 262 -9.01 28.54 7.33
CA LYS A 262 -9.08 29.92 7.80
C LYS A 262 -9.18 29.96 9.32
N ALA A 263 -10.06 29.14 9.88
CA ALA A 263 -10.25 29.08 11.33
C ALA A 263 -8.95 28.74 12.04
N CYS A 264 -8.18 27.78 11.49
CA CYS A 264 -6.86 27.41 12.03
C CYS A 264 -5.96 28.64 12.17
N VAL A 265 -5.92 29.45 11.12
CA VAL A 265 -5.09 30.66 11.13
C VAL A 265 -5.59 31.60 12.22
N ASP A 266 -6.89 31.83 12.25
CA ASP A 266 -7.48 32.73 13.25
C ASP A 266 -7.15 32.36 14.68
N ILE A 267 -7.16 31.06 14.99
CA ILE A 267 -7.02 30.61 16.38
C ILE A 267 -5.58 30.23 16.75
N GLY A 268 -4.66 30.37 15.80
CA GLY A 268 -3.27 29.98 16.04
C GLY A 268 -3.12 28.48 16.24
N TYR A 269 -3.81 27.71 15.40
CA TYR A 269 -3.77 26.26 15.49
C TYR A 269 -2.41 25.74 15.01
N ARG A 270 -1.95 24.64 15.60
CA ARG A 270 -0.69 23.99 15.19
C ARG A 270 -0.81 22.48 15.29
N GLY A 271 -0.32 21.81 14.26
CA GLY A 271 -0.28 20.37 14.23
C GLY A 271 -1.43 19.82 13.40
N ALA A 272 -1.67 18.53 13.55
CA ALA A 272 -2.83 17.89 12.94
C ALA A 272 -4.08 18.21 13.75
N GLY A 273 -5.20 18.26 13.06
CA GLY A 273 -6.49 18.42 13.72
C GLY A 273 -7.62 17.99 12.82
N THR A 274 -8.79 17.76 13.41
CA THR A 274 -9.97 17.33 12.68
C THR A 274 -11.18 18.20 13.05
N PHE A 275 -11.82 18.80 12.05
CA PHE A 275 -13.11 19.49 12.25
C PHE A 275 -14.26 18.51 11.96
N GLU A 276 -15.08 18.20 12.96
CA GLU A 276 -16.24 17.31 12.78
C GLU A 276 -17.48 18.11 12.40
N PHE A 277 -18.16 17.64 11.36
CA PHE A 277 -19.41 18.22 10.92
C PHE A 277 -20.50 17.17 10.88
N LEU A 278 -21.74 17.62 11.08
CA LEU A 278 -22.91 16.91 10.61
C LEU A 278 -23.26 17.47 9.23
N PHE A 279 -23.55 16.57 8.29
CA PHE A 279 -23.85 16.90 6.91
C PHE A 279 -25.24 16.35 6.59
N GLU A 280 -26.17 17.24 6.27
CA GLU A 280 -27.56 16.88 5.99
C GLU A 280 -28.14 17.85 4.99
N ASN A 281 -28.95 17.33 4.07
CA ASN A 281 -29.51 18.10 2.98
C ASN A 281 -28.50 19.02 2.31
N GLY A 282 -27.31 18.48 2.02
CA GLY A 282 -26.27 19.21 1.33
C GLY A 282 -25.56 20.32 2.10
N GLU A 283 -25.80 20.44 3.41
CA GLU A 283 -25.21 21.52 4.23
C GLU A 283 -24.30 20.94 5.32
N PHE A 284 -23.21 21.65 5.62
CA PHE A 284 -22.29 21.31 6.73
C PHE A 284 -22.60 22.10 7.99
N TYR A 285 -22.49 21.45 9.14
CA TYR A 285 -22.68 22.08 10.44
C TYR A 285 -21.63 21.59 11.42
N PHE A 286 -20.74 22.49 11.83
CA PHE A 286 -19.64 22.13 12.74
C PHE A 286 -20.18 21.71 14.10
N ILE A 287 -19.68 20.60 14.65
CA ILE A 287 -20.08 20.19 16.00
C ILE A 287 -18.96 20.21 17.03
N GLU A 288 -17.77 19.76 16.62
CA GLU A 288 -16.62 19.72 17.51
C GLU A 288 -15.33 19.54 16.77
N MET A 289 -14.24 19.91 17.41
CA MET A 289 -12.91 19.70 16.85
C MET A 289 -12.06 18.80 17.74
N ASN A 290 -11.33 17.88 17.09
CA ASN A 290 -10.37 17.02 17.76
C ASN A 290 -8.98 17.51 17.43
N THR A 291 -8.11 17.56 18.42
CA THR A 291 -6.75 18.07 18.21
C THR A 291 -5.72 16.96 17.97
N ARG A 292 -6.07 15.75 18.33
CA ARG A 292 -5.19 14.60 18.18
C ARG A 292 -5.18 14.13 16.73
N ILE A 293 -4.20 13.30 16.39
CA ILE A 293 -4.30 12.44 15.21
C ILE A 293 -5.34 11.39 15.57
N GLN A 294 -6.18 10.99 14.61
CA GLN A 294 -7.26 10.05 14.92
C GLN A 294 -7.04 8.66 14.35
N VAL A 295 -7.78 7.69 14.89
CA VAL A 295 -7.79 6.31 14.42
C VAL A 295 -7.83 6.24 12.89
N GLU A 296 -8.76 7.01 12.32
CA GLU A 296 -9.10 6.92 10.91
C GLU A 296 -8.23 7.75 9.97
N HIS A 297 -7.14 8.34 10.48
CA HIS A 297 -6.23 9.11 9.62
C HIS A 297 -5.73 8.42 8.33
N PRO A 298 -5.51 7.09 8.35
CA PRO A 298 -4.95 6.46 7.16
C PRO A 298 -5.73 6.62 5.85
N VAL A 299 -7.06 6.73 5.90
CA VAL A 299 -7.81 6.89 4.66
C VAL A 299 -7.43 8.21 3.97
N THR A 300 -7.19 9.25 4.76
CA THR A 300 -6.76 10.55 4.24
C THR A 300 -5.38 10.48 3.63
N GLU A 301 -4.50 9.72 4.27
CA GLU A 301 -3.16 9.51 3.74
C GLU A 301 -3.21 8.84 2.39
N MET A 302 -4.08 7.84 2.23
CA MET A 302 -4.16 7.09 0.99
C MET A 302 -4.57 7.96 -0.20
N ILE A 303 -5.53 8.84 0.01
CA ILE A 303 -6.08 9.64 -1.09
C ILE A 303 -5.34 10.95 -1.39
N THR A 304 -4.40 11.33 -0.50
CA THR A 304 -3.61 12.56 -0.67
C THR A 304 -2.10 12.31 -0.79
N GLY A 305 -1.64 11.14 -0.35
CA GLY A 305 -0.21 10.84 -0.33
C GLY A 305 0.57 11.44 0.83
N VAL A 306 -0.09 12.21 1.70
CA VAL A 306 0.58 12.86 2.83
C VAL A 306 0.63 11.93 4.05
N ASP A 307 1.84 11.69 4.54
CA ASP A 307 2.07 10.96 5.77
C ASP A 307 1.85 11.92 6.95
N LEU A 308 0.72 11.74 7.61
CA LEU A 308 0.26 12.71 8.60
C LEU A 308 1.09 12.67 9.89
N ILE A 309 1.54 11.48 10.28
CA ILE A 309 2.34 11.35 11.49
C ILE A 309 3.70 12.01 11.27
N LYS A 310 4.31 11.77 10.12
CA LYS A 310 5.57 12.41 9.78
C LYS A 310 5.41 13.93 9.79
N GLU A 311 4.29 14.44 9.26
CA GLU A 311 4.02 15.88 9.31
C GLU A 311 3.91 16.38 10.74
N GLN A 312 3.22 15.65 11.61
CA GLN A 312 3.17 16.02 13.04
C GLN A 312 4.56 16.26 13.61
N LEU A 313 5.44 15.31 13.32
CA LEU A 313 6.80 15.31 13.86
C LEU A 313 7.63 16.46 13.26
N ARG A 314 7.51 16.64 11.95
CA ARG A 314 8.15 17.76 11.27
C ARG A 314 7.71 19.11 11.85
N ILE A 315 6.41 19.27 12.04
CA ILE A 315 5.82 20.50 12.62
C ILE A 315 6.37 20.79 14.02
N ALA A 316 6.48 19.75 14.84
CA ALA A 316 6.97 19.88 16.21
C ALA A 316 8.45 20.27 16.25
N ALA A 317 9.22 19.82 15.27
CA ALA A 317 10.62 20.22 15.13
C ALA A 317 10.83 21.64 14.58
N GLY A 318 9.76 22.26 14.08
CA GLY A 318 9.84 23.60 13.52
C GLY A 318 9.97 23.67 12.01
N GLN A 319 9.73 22.55 11.32
CA GLN A 319 9.76 22.54 9.85
C GLN A 319 8.40 22.98 9.34
N PRO A 320 8.37 23.65 8.18
CA PRO A 320 7.09 24.04 7.62
C PRO A 320 6.39 22.81 7.02
N LEU A 321 5.11 22.95 6.67
CA LEU A 321 4.40 21.86 6.01
C LEU A 321 5.18 21.47 4.74
N SER A 322 5.26 20.16 4.48
CA SER A 322 5.99 19.64 3.31
C SER A 322 5.23 19.85 1.99
N ILE A 323 3.97 20.30 2.07
CA ILE A 323 3.13 20.53 0.89
C ILE A 323 2.25 21.77 1.05
N LYS A 324 2.03 22.47 -0.06
CA LYS A 324 1.15 23.64 -0.11
C LYS A 324 -0.25 23.20 -0.52
N GLN A 325 -1.25 24.05 -0.32
CA GLN A 325 -2.62 23.66 -0.64
C GLN A 325 -2.78 23.31 -2.12
N GLU A 326 -2.17 24.08 -3.01
CA GLU A 326 -2.27 23.85 -4.46
C GLU A 326 -1.59 22.55 -4.89
N GLU A 327 -0.83 21.93 -3.98
CA GLU A 327 -0.23 20.62 -4.20
C GLU A 327 -1.06 19.45 -3.64
N VAL A 328 -2.08 19.73 -2.84
CA VAL A 328 -2.96 18.67 -2.29
C VAL A 328 -4.01 18.31 -3.33
N HIS A 329 -4.03 17.05 -3.75
CA HIS A 329 -5.02 16.56 -4.72
C HIS A 329 -5.65 15.25 -4.24
N VAL A 330 -6.98 15.22 -4.17
CA VAL A 330 -7.71 14.00 -3.88
C VAL A 330 -7.58 13.09 -5.09
N ARG A 331 -7.01 11.91 -4.88
CA ARG A 331 -6.93 10.90 -5.93
C ARG A 331 -7.42 9.56 -5.40
N GLY A 332 -8.34 8.94 -6.13
CA GLY A 332 -8.82 7.61 -5.77
C GLY A 332 -9.71 7.65 -4.56
N HIS A 333 -9.86 6.50 -3.92
CA HIS A 333 -10.77 6.33 -2.82
C HIS A 333 -10.20 5.32 -1.83
N ALA A 334 -10.41 5.56 -0.54
CA ALA A 334 -9.97 4.61 0.48
C ALA A 334 -11.06 4.32 1.50
N VAL A 335 -11.12 3.05 1.92
CA VAL A 335 -12.01 2.57 2.97
C VAL A 335 -11.20 1.92 4.10
N GLU A 336 -11.58 2.21 5.33
CA GLU A 336 -11.00 1.58 6.51
C GLU A 336 -12.04 0.78 7.26
N CYS A 337 -11.69 -0.45 7.59
CA CYS A 337 -12.50 -1.30 8.45
C CYS A 337 -11.76 -1.50 9.77
N ARG A 338 -12.38 -1.10 10.89
CA ARG A 338 -11.78 -1.37 12.19
C ARG A 338 -11.98 -2.83 12.53
N ILE A 339 -10.91 -3.48 12.98
CA ILE A 339 -10.96 -4.86 13.43
C ILE A 339 -10.87 -4.87 14.95
N ASN A 340 -11.92 -5.42 15.56
CA ASN A 340 -12.11 -5.45 16.99
C ASN A 340 -12.12 -6.89 17.49
N ALA A 341 -11.49 -7.12 18.64
CA ALA A 341 -11.65 -8.37 19.39
C ALA A 341 -12.92 -8.22 20.24
N GLU A 342 -14.01 -8.77 19.73
CA GLU A 342 -15.33 -8.56 20.34
C GLU A 342 -16.22 -9.73 19.98
N ASP A 343 -17.16 -10.04 20.88
CA ASP A 343 -18.15 -11.09 20.68
C ASP A 343 -19.25 -10.58 19.73
N PRO A 344 -19.59 -11.37 18.69
CA PRO A 344 -20.56 -10.90 17.69
C PRO A 344 -21.99 -10.70 18.22
N ASN A 345 -22.32 -11.37 19.33
CA ASN A 345 -23.68 -11.36 19.84
C ASN A 345 -23.89 -10.32 20.93
N THR A 346 -22.88 -10.12 21.78
CA THR A 346 -22.96 -9.09 22.82
C THR A 346 -22.26 -7.76 22.46
N PHE A 347 -21.35 -7.79 21.48
CA PHE A 347 -20.45 -6.66 21.16
C PHE A 347 -19.54 -6.24 22.35
N LEU A 348 -19.33 -7.16 23.29
CA LEU A 348 -18.42 -6.92 24.40
C LEU A 348 -17.02 -7.31 23.97
N PRO A 349 -15.99 -6.68 24.56
CA PRO A 349 -14.63 -7.05 24.26
C PRO A 349 -14.36 -8.53 24.49
N SER A 350 -13.60 -9.13 23.59
CA SER A 350 -13.32 -10.57 23.60
C SER A 350 -11.81 -10.80 23.59
N PRO A 351 -11.14 -10.51 24.71
CA PRO A 351 -9.70 -10.70 24.78
C PRO A 351 -9.29 -12.17 24.81
N GLY A 352 -8.00 -12.43 24.63
CA GLY A 352 -7.49 -13.80 24.64
C GLY A 352 -6.27 -13.93 23.76
N LYS A 353 -5.77 -15.16 23.64
CA LYS A 353 -4.56 -15.42 22.87
C LYS A 353 -4.87 -15.75 21.42
N ILE A 354 -4.22 -15.04 20.52
CA ILE A 354 -4.32 -15.29 19.09
C ILE A 354 -3.48 -16.50 18.76
N THR A 355 -4.08 -17.52 18.14
CA THR A 355 -3.41 -18.80 17.88
C THR A 355 -2.86 -18.92 16.46
N ARG A 356 -3.61 -18.42 15.49
CA ARG A 356 -3.15 -18.32 14.11
C ARG A 356 -3.42 -16.90 13.65
N PHE A 357 -2.47 -16.33 12.92
CA PHE A 357 -2.65 -15.01 12.33
C PHE A 357 -2.11 -14.95 10.91
N HIS A 358 -2.91 -14.36 10.03
CA HIS A 358 -2.44 -14.05 8.68
C HIS A 358 -3.01 -12.72 8.20
N ALA A 359 -2.11 -11.84 7.75
CA ALA A 359 -2.51 -10.51 7.26
C ALA A 359 -2.71 -10.55 5.76
N PRO A 360 -3.69 -9.78 5.24
CA PRO A 360 -3.86 -9.69 3.80
C PRO A 360 -2.75 -8.83 3.14
N GLY A 361 -2.60 -8.98 1.83
CA GLY A 361 -1.59 -8.23 1.10
C GLY A 361 -2.11 -7.85 -0.26
N GLY A 362 -1.20 -7.34 -1.08
CA GLY A 362 -1.54 -6.96 -2.45
C GLY A 362 -1.65 -5.46 -2.69
N PHE A 363 -1.96 -5.11 -3.94
CA PHE A 363 -1.99 -3.73 -4.41
C PHE A 363 -3.13 -3.00 -3.70
N GLY A 364 -2.84 -1.87 -3.06
CA GLY A 364 -3.87 -1.03 -2.46
C GLY A 364 -4.31 -1.47 -1.08
N VAL A 365 -3.61 -2.46 -0.52
CA VAL A 365 -3.98 -3.06 0.76
C VAL A 365 -2.99 -2.64 1.84
N ARG A 366 -3.49 -2.05 2.92
CA ARG A 366 -2.67 -1.56 4.01
C ARG A 366 -3.24 -2.09 5.33
N TRP A 367 -2.41 -2.80 6.08
CA TRP A 367 -2.80 -3.43 7.32
C TRP A 367 -2.04 -2.74 8.45
N GLU A 368 -2.79 -2.12 9.36
CA GLU A 368 -2.24 -1.40 10.50
C GLU A 368 -2.57 -2.14 11.78
N SER A 369 -1.64 -2.94 12.27
CA SER A 369 -1.85 -3.69 13.51
C SER A 369 -0.55 -4.18 14.12
N HIS A 370 -0.59 -4.26 15.44
CA HIS A 370 0.48 -4.79 16.27
C HIS A 370 0.35 -6.31 16.50
N ILE A 371 -0.77 -6.91 16.12
CA ILE A 371 -1.02 -8.30 16.51
C ILE A 371 -0.16 -9.27 15.70
N TYR A 372 0.09 -10.42 16.31
CA TYR A 372 0.84 -11.47 15.68
C TYR A 372 0.41 -12.81 16.27
N ALA A 373 0.83 -13.89 15.61
CA ALA A 373 0.52 -15.24 16.07
C ALA A 373 1.14 -15.47 17.43
N GLY A 374 0.31 -15.86 18.39
CA GLY A 374 0.77 -16.10 19.75
C GLY A 374 0.65 -14.89 20.67
N TYR A 375 0.22 -13.76 20.12
CA TYR A 375 0.01 -12.54 20.90
C TYR A 375 -1.28 -12.64 21.69
N THR A 376 -1.22 -12.23 22.96
CA THR A 376 -2.38 -12.14 23.81
C THR A 376 -2.93 -10.72 23.86
N VAL A 377 -4.20 -10.60 23.49
CA VAL A 377 -4.93 -9.36 23.61
C VAL A 377 -5.33 -9.22 25.08
N PRO A 378 -4.81 -8.18 25.77
CA PRO A 378 -5.17 -8.02 27.19
C PRO A 378 -6.61 -7.53 27.38
N PRO A 379 -7.20 -7.79 28.57
CA PRO A 379 -8.55 -7.30 28.88
C PRO A 379 -8.62 -5.81 29.30
N TYR A 380 -7.47 -5.18 29.49
CA TYR A 380 -7.39 -3.87 30.16
C TYR A 380 -7.61 -2.66 29.26
N TYR A 381 -7.59 -2.88 27.94
CA TYR A 381 -7.56 -1.77 26.98
C TYR A 381 -8.67 -1.90 25.95
N ASP A 382 -8.71 -1.01 24.97
CA ASP A 382 -9.81 -0.98 24.00
C ASP A 382 -9.77 -2.23 23.11
N SER A 383 -10.91 -2.55 22.52
CA SER A 383 -11.11 -3.79 21.79
C SER A 383 -10.53 -3.76 20.37
N MET A 384 -10.26 -2.56 19.85
CA MET A 384 -9.75 -2.44 18.50
C MET A 384 -8.31 -2.93 18.47
N ILE A 385 -8.07 -3.97 17.69
CA ILE A 385 -6.77 -4.60 17.59
C ILE A 385 -6.10 -4.36 16.25
N GLY A 386 -6.82 -3.79 15.28
CA GLY A 386 -6.24 -3.57 13.96
C GLY A 386 -7.14 -2.74 13.08
N LYS A 387 -6.55 -2.27 11.98
CA LYS A 387 -7.25 -1.51 10.96
C LYS A 387 -6.80 -2.00 9.60
N LEU A 388 -7.79 -2.33 8.77
CA LEU A 388 -7.55 -2.72 7.40
C LEU A 388 -8.02 -1.60 6.49
N ILE A 389 -7.09 -1.06 5.71
CA ILE A 389 -7.37 0.08 4.84
C ILE A 389 -7.10 -0.35 3.39
N CYS A 390 -8.11 -0.21 2.53
CA CYS A 390 -7.90 -0.51 1.12
C CYS A 390 -8.17 0.70 0.26
N TYR A 391 -7.26 0.93 -0.68
CA TYR A 391 -7.31 2.05 -1.60
C TYR A 391 -7.56 1.54 -3.00
N GLY A 392 -8.35 2.30 -3.76
CA GLY A 392 -8.56 2.02 -5.18
C GLY A 392 -8.63 3.29 -6.00
N GLU A 393 -8.59 3.13 -7.33
CA GLU A 393 -8.78 4.25 -8.25
C GLU A 393 -10.19 4.87 -8.14
N ASN A 394 -11.14 4.10 -7.64
CA ASN A 394 -12.45 4.60 -7.28
C ASN A 394 -13.04 3.80 -6.11
N ARG A 395 -14.19 4.26 -5.62
CA ARG A 395 -14.84 3.65 -4.46
C ARG A 395 -15.15 2.16 -4.68
N ASP A 396 -15.64 1.79 -5.85
CA ASP A 396 -15.99 0.39 -6.13
C ASP A 396 -14.76 -0.52 -6.06
N VAL A 397 -13.62 -0.03 -6.52
CA VAL A 397 -12.38 -0.82 -6.47
C VAL A 397 -11.88 -0.95 -5.03
N ALA A 398 -11.97 0.13 -4.27
CA ALA A 398 -11.60 0.10 -2.85
C ALA A 398 -12.43 -0.93 -2.09
N ILE A 399 -13.75 -0.94 -2.33
CA ILE A 399 -14.65 -1.89 -1.66
C ILE A 399 -14.36 -3.35 -2.08
N ALA A 400 -14.14 -3.56 -3.38
CA ALA A 400 -13.79 -4.88 -3.91
C ALA A 400 -12.54 -5.41 -3.23
N ARG A 401 -11.52 -4.56 -3.17
CA ARG A 401 -10.27 -4.93 -2.53
C ARG A 401 -10.45 -5.22 -1.04
N MET A 402 -11.31 -4.46 -0.37
CA MET A 402 -11.61 -4.70 1.04
C MET A 402 -12.23 -6.06 1.27
N LYS A 403 -13.24 -6.41 0.45
CA LYS A 403 -13.85 -7.74 0.49
C LYS A 403 -12.80 -8.85 0.36
N ASN A 404 -11.94 -8.74 -0.66
CA ASN A 404 -10.88 -9.73 -0.87
C ASN A 404 -9.95 -9.82 0.33
N ALA A 405 -9.56 -8.65 0.87
CA ALA A 405 -8.60 -8.58 1.95
C ALA A 405 -9.17 -9.13 3.25
N LEU A 406 -10.43 -8.84 3.50
CA LEU A 406 -11.12 -9.39 4.68
C LEU A 406 -11.20 -10.91 4.63
N GLN A 407 -11.35 -11.46 3.43
CA GLN A 407 -11.38 -12.92 3.25
C GLN A 407 -10.00 -13.57 3.50
N GLU A 408 -8.93 -12.83 3.26
CA GLU A 408 -7.57 -13.33 3.51
C GLU A 408 -7.17 -13.27 4.97
N LEU A 409 -7.74 -12.31 5.69
CA LEU A 409 -7.39 -12.06 7.07
C LEU A 409 -7.82 -13.23 7.96
N ILE A 410 -6.85 -13.80 8.66
CA ILE A 410 -7.09 -14.85 9.61
C ILE A 410 -6.69 -14.36 10.99
N ILE A 411 -7.63 -14.44 11.93
CA ILE A 411 -7.34 -14.18 13.34
C ILE A 411 -8.09 -15.24 14.15
N ASP A 412 -7.39 -16.34 14.47
CA ASP A 412 -7.98 -17.42 15.25
C ASP A 412 -7.60 -17.31 16.72
N GLY A 413 -8.44 -17.89 17.58
CA GLY A 413 -8.19 -17.94 19.01
C GLY A 413 -9.02 -16.95 19.80
N ILE A 414 -9.46 -15.88 19.14
CA ILE A 414 -10.36 -14.89 19.71
C ILE A 414 -11.50 -14.56 18.75
N LYS A 415 -12.58 -14.02 19.29
CA LYS A 415 -13.70 -13.58 18.46
C LYS A 415 -13.41 -12.19 17.91
N THR A 416 -13.77 -11.98 16.64
CA THR A 416 -13.58 -10.68 16.01
C THR A 416 -14.78 -10.28 15.18
N ASN A 417 -14.76 -9.04 14.70
CA ASN A 417 -15.84 -8.52 13.87
C ASN A 417 -15.57 -8.64 12.37
N VAL A 418 -14.65 -9.51 11.96
CA VAL A 418 -14.32 -9.63 10.53
C VAL A 418 -15.58 -9.99 9.73
N ASP A 419 -16.39 -10.91 10.25
CA ASP A 419 -17.61 -11.35 9.56
C ASP A 419 -18.60 -10.21 9.37
N LEU A 420 -18.78 -9.40 10.43
CA LEU A 420 -19.61 -8.21 10.36
C LEU A 420 -19.13 -7.25 9.27
N GLN A 421 -17.81 -6.98 9.23
CA GLN A 421 -17.24 -6.09 8.23
C GLN A 421 -17.48 -6.60 6.82
N ILE A 422 -17.40 -7.91 6.62
CA ILE A 422 -17.69 -8.52 5.33
C ILE A 422 -19.16 -8.27 4.95
N ARG A 423 -20.08 -8.43 5.91
CA ARG A 423 -21.50 -8.13 5.69
C ARG A 423 -21.70 -6.66 5.31
N ILE A 424 -20.96 -5.75 5.94
CA ILE A 424 -21.11 -4.34 5.63
C ILE A 424 -20.65 -4.09 4.18
N MET A 425 -19.51 -4.66 3.80
CA MET A 425 -18.99 -4.46 2.44
C MET A 425 -19.97 -5.00 1.39
N ASN A 426 -20.71 -6.04 1.77
CA ASN A 426 -21.68 -6.65 0.89
C ASN A 426 -23.06 -6.01 0.94
N ASP A 427 -23.22 -5.01 1.79
CA ASP A 427 -24.51 -4.33 1.98
C ASP A 427 -24.79 -3.40 0.80
N GLU A 428 -25.99 -3.52 0.22
CA GLU A 428 -26.33 -2.83 -1.02
C GLU A 428 -26.45 -1.32 -0.83
N ASN A 429 -26.90 -0.89 0.34
CA ASN A 429 -26.96 0.55 0.65
C ASN A 429 -25.57 1.13 0.85
N PHE A 430 -24.72 0.43 1.59
CA PHE A 430 -23.31 0.83 1.67
C PHE A 430 -22.69 0.88 0.27
N GLN A 431 -22.97 -0.13 -0.56
CA GLN A 431 -22.44 -0.14 -1.92
C GLN A 431 -22.92 1.06 -2.75
N HIS A 432 -24.16 1.50 -2.51
CA HIS A 432 -24.66 2.73 -3.12
C HIS A 432 -23.89 3.94 -2.58
N GLY A 433 -23.71 3.95 -1.27
CA GLY A 433 -22.99 5.02 -0.60
C GLY A 433 -23.93 6.04 0.01
N GLY A 434 -23.39 6.83 0.92
CA GLY A 434 -24.10 7.94 1.53
C GLY A 434 -25.09 7.58 2.63
N THR A 435 -24.98 6.38 3.21
CA THR A 435 -25.89 6.03 4.32
C THR A 435 -25.58 6.91 5.53
N ASN A 436 -26.59 7.10 6.38
CA ASN A 436 -26.50 8.05 7.50
C ASN A 436 -26.01 7.39 8.80
N ILE A 437 -25.85 8.19 9.85
CA ILE A 437 -25.25 7.70 11.10
C ILE A 437 -26.09 6.63 11.80
N HIS A 438 -27.35 6.47 11.40
CA HIS A 438 -28.27 5.52 12.02
C HIS A 438 -28.38 4.19 11.30
N TYR A 439 -27.73 4.08 10.15
CA TYR A 439 -27.92 2.93 9.28
C TYR A 439 -27.50 1.61 9.91
N LEU A 440 -26.30 1.54 10.46
CA LEU A 440 -25.77 0.28 10.95
C LEU A 440 -26.64 -0.31 12.07
N GLU A 441 -27.03 0.54 13.02
CA GLU A 441 -27.92 0.14 14.10
C GLU A 441 -29.27 -0.39 13.60
N LYS A 442 -29.82 0.26 12.57
CA LYS A 442 -31.06 -0.22 11.93
C LYS A 442 -30.88 -1.57 11.23
N LYS A 443 -29.81 -1.68 10.44
CA LYS A 443 -29.43 -2.93 9.77
C LYS A 443 -29.25 -4.08 10.78
N LEU A 444 -28.52 -3.82 11.86
CA LEU A 444 -28.30 -4.84 12.88
C LEU A 444 -29.59 -5.22 13.61
N GLY A 445 -30.52 -4.26 13.72
CA GLY A 445 -31.81 -4.52 14.34
C GLY A 445 -32.82 -5.01 13.32
N MET B 1 -16.42 -9.05 -19.92
CA MET B 1 -15.48 -9.60 -18.89
C MET B 1 -15.48 -11.14 -18.83
N LEU B 2 -14.30 -11.70 -18.66
CA LEU B 2 -14.07 -13.15 -18.67
C LEU B 2 -14.81 -13.81 -17.49
N ASP B 3 -15.57 -14.87 -17.77
CA ASP B 3 -16.38 -15.51 -16.73
C ASP B 3 -15.49 -16.27 -15.71
N LYS B 4 -14.52 -16.99 -16.25
CA LYS B 4 -13.70 -17.92 -15.46
C LYS B 4 -12.36 -18.15 -16.15
N ILE B 5 -11.27 -18.12 -15.39
CA ILE B 5 -9.95 -18.35 -15.95
C ILE B 5 -9.16 -19.38 -15.17
N VAL B 6 -8.24 -20.06 -15.86
CA VAL B 6 -7.23 -20.91 -15.22
C VAL B 6 -6.00 -20.06 -14.99
N ILE B 7 -5.48 -20.14 -13.78
CA ILE B 7 -4.22 -19.50 -13.43
C ILE B 7 -3.15 -20.57 -13.60
N ALA B 8 -2.46 -20.55 -14.74
CA ALA B 8 -1.47 -21.58 -15.08
C ALA B 8 -0.11 -21.19 -14.51
N ASN B 9 -0.05 -21.13 -13.20
CA ASN B 9 1.15 -20.76 -12.49
C ASN B 9 0.99 -21.11 -11.02
N ARG B 10 1.91 -20.61 -10.19
CA ARG B 10 2.00 -20.96 -8.79
C ARG B 10 2.56 -19.78 -8.01
N GLY B 11 2.66 -19.95 -6.69
CA GLY B 11 3.43 -19.02 -5.87
C GLY B 11 2.85 -17.61 -5.82
N GLU B 12 3.74 -16.62 -5.73
CA GLU B 12 3.30 -15.25 -5.51
C GLU B 12 2.52 -14.72 -6.71
N ILE B 13 2.92 -15.07 -7.93
CA ILE B 13 2.25 -14.53 -9.11
C ILE B 13 0.85 -15.10 -9.26
N ALA B 14 0.67 -16.36 -8.88
CA ALA B 14 -0.65 -16.98 -8.96
C ALA B 14 -1.63 -16.25 -8.03
N LEU B 15 -1.14 -15.92 -6.83
CA LEU B 15 -1.93 -15.13 -5.87
C LEU B 15 -2.24 -13.72 -6.34
N ARG B 16 -1.24 -13.07 -6.96
CA ARG B 16 -1.38 -11.76 -7.59
C ARG B 16 -2.51 -11.75 -8.59
N ILE B 17 -2.51 -12.73 -9.48
CA ILE B 17 -3.53 -12.90 -10.50
C ILE B 17 -4.89 -13.22 -9.90
N LEU B 18 -4.95 -14.11 -8.91
CA LEU B 18 -6.21 -14.42 -8.22
C LEU B 18 -6.88 -13.18 -7.64
N ARG B 19 -6.10 -12.33 -6.98
CA ARG B 19 -6.66 -11.11 -6.38
C ARG B 19 -7.26 -10.18 -7.44
N ALA B 20 -6.54 -9.99 -8.53
CA ALA B 20 -7.05 -9.22 -9.67
C ALA B 20 -8.36 -9.80 -10.20
N CYS B 21 -8.40 -11.12 -10.37
CA CYS B 21 -9.63 -11.82 -10.80
C CYS B 21 -10.80 -11.54 -9.85
N LYS B 22 -10.56 -11.71 -8.55
CA LYS B 22 -11.60 -11.54 -7.54
C LYS B 22 -12.18 -10.13 -7.56
N GLU B 23 -11.30 -9.14 -7.70
CA GLU B 23 -11.71 -7.74 -7.80
C GLU B 23 -12.62 -7.51 -9.01
N LEU B 24 -12.33 -8.19 -10.11
CA LEU B 24 -13.11 -8.05 -11.34
C LEU B 24 -14.31 -9.01 -11.42
N GLY B 25 -14.46 -9.89 -10.43
CA GLY B 25 -15.59 -10.83 -10.41
C GLY B 25 -15.40 -12.00 -11.36
N ILE B 26 -14.15 -12.27 -11.69
CA ILE B 26 -13.77 -13.37 -12.55
C ILE B 26 -13.55 -14.61 -11.69
N LYS B 27 -14.22 -15.70 -12.03
CA LYS B 27 -14.09 -16.95 -11.27
C LYS B 27 -12.70 -17.53 -11.52
N THR B 28 -12.11 -18.18 -10.52
CA THR B 28 -10.75 -18.69 -10.64
C THR B 28 -10.68 -20.23 -10.59
N VAL B 29 -9.77 -20.78 -11.41
CA VAL B 29 -9.41 -22.18 -11.34
C VAL B 29 -7.91 -22.23 -11.06
N ALA B 30 -7.56 -22.79 -9.91
CA ALA B 30 -6.17 -22.98 -9.55
C ALA B 30 -5.76 -24.38 -9.95
N VAL B 31 -4.93 -24.48 -10.98
CA VAL B 31 -4.30 -25.75 -11.32
C VAL B 31 -3.02 -25.82 -10.52
N HIS B 32 -2.72 -26.99 -9.96
CA HIS B 32 -1.57 -27.12 -9.08
C HIS B 32 -0.94 -28.51 -9.17
N SER B 33 0.34 -28.61 -8.85
CA SER B 33 0.97 -29.90 -8.64
C SER B 33 0.57 -30.44 -7.29
N SER B 34 0.84 -31.73 -7.09
CA SER B 34 0.52 -32.40 -5.84
C SER B 34 1.28 -31.80 -4.66
N ALA B 35 2.45 -31.21 -4.90
CA ALA B 35 3.25 -30.58 -3.84
C ALA B 35 2.76 -29.18 -3.43
N ASP B 36 1.79 -28.64 -4.17
CA ASP B 36 1.32 -27.25 -4.06
C ASP B 36 -0.13 -27.17 -3.65
N ARG B 37 -0.64 -28.24 -3.07
CA ARG B 37 -2.04 -28.33 -2.64
C ARG B 37 -2.37 -27.25 -1.60
N ASP B 38 -1.39 -26.86 -0.81
CA ASP B 38 -1.58 -25.88 0.26
C ASP B 38 -1.01 -24.48 -0.07
N LEU B 39 -0.81 -24.17 -1.35
CA LEU B 39 -0.53 -22.80 -1.76
C LEU B 39 -1.67 -21.87 -1.36
N LYS B 40 -1.32 -20.69 -0.88
CA LYS B 40 -2.34 -19.72 -0.49
C LYS B 40 -3.38 -19.49 -1.59
N HIS B 41 -2.97 -19.31 -2.84
CA HIS B 41 -3.98 -19.01 -3.88
C HIS B 41 -4.87 -20.23 -4.19
N VAL B 42 -4.33 -21.44 -4.06
CA VAL B 42 -5.11 -22.69 -4.21
C VAL B 42 -6.22 -22.74 -3.17
N LEU B 43 -5.87 -22.43 -1.92
CA LEU B 43 -6.83 -22.40 -0.83
C LEU B 43 -7.91 -21.31 -0.98
N LEU B 44 -7.60 -20.25 -1.70
CA LEU B 44 -8.53 -19.16 -1.92
C LEU B 44 -9.34 -19.26 -3.21
N ALA B 45 -8.94 -20.16 -4.11
CA ALA B 45 -9.53 -20.18 -5.46
C ALA B 45 -10.91 -20.80 -5.43
N ASP B 46 -11.71 -20.49 -6.45
CA ASP B 46 -13.08 -20.96 -6.51
C ASP B 46 -13.14 -22.45 -6.81
N GLU B 47 -12.27 -22.91 -7.70
CA GLU B 47 -12.13 -24.32 -8.05
C GLU B 47 -10.65 -24.67 -8.10
N THR B 48 -10.31 -25.92 -7.78
CA THR B 48 -8.94 -26.39 -7.89
C THR B 48 -8.86 -27.71 -8.68
N VAL B 49 -7.76 -27.89 -9.39
CA VAL B 49 -7.51 -29.13 -10.13
C VAL B 49 -6.04 -29.51 -9.94
N CYS B 50 -5.79 -30.74 -9.47
CA CYS B 50 -4.41 -31.24 -9.42
C CYS B 50 -4.04 -31.73 -10.80
N ILE B 51 -3.03 -31.11 -11.39
CA ILE B 51 -2.62 -31.38 -12.76
C ILE B 51 -1.42 -32.32 -12.87
N GLY B 52 -0.94 -32.84 -11.74
CA GLY B 52 0.13 -33.85 -11.78
C GLY B 52 1.08 -33.79 -10.61
N PRO B 53 2.08 -34.69 -10.60
CA PRO B 53 3.11 -34.71 -9.57
C PRO B 53 3.99 -33.46 -9.53
N ALA B 54 4.86 -33.40 -8.52
CA ALA B 54 5.62 -32.19 -8.19
C ALA B 54 6.52 -31.63 -9.29
N PRO B 55 7.26 -32.49 -10.03
CA PRO B 55 8.17 -31.88 -11.00
C PRO B 55 7.41 -31.06 -12.04
N SER B 56 7.94 -29.89 -12.38
CA SER B 56 7.22 -28.97 -13.25
C SER B 56 6.90 -29.63 -14.59
N VAL B 57 7.83 -30.45 -15.10
CA VAL B 57 7.57 -31.17 -16.36
C VAL B 57 6.26 -31.99 -16.33
N LYS B 58 5.89 -32.49 -15.16
CA LYS B 58 4.69 -33.30 -14.98
C LYS B 58 3.43 -32.49 -14.65
N SER B 59 3.60 -31.22 -14.35
CA SER B 59 2.48 -30.39 -13.87
C SER B 59 2.44 -29.04 -14.60
N TYR B 60 3.19 -28.05 -14.13
CA TYR B 60 3.07 -26.67 -14.65
C TYR B 60 3.52 -26.47 -16.09
N LEU B 61 4.31 -27.42 -16.61
CA LEU B 61 4.71 -27.43 -18.03
C LEU B 61 3.96 -28.49 -18.85
N ASN B 62 2.99 -29.14 -18.22
CA ASN B 62 2.20 -30.20 -18.85
C ASN B 62 1.01 -29.58 -19.59
N ILE B 63 1.25 -29.29 -20.87
CA ILE B 63 0.27 -28.61 -21.70
C ILE B 63 -1.08 -29.35 -21.78
N PRO B 64 -1.07 -30.65 -22.15
CA PRO B 64 -2.39 -31.35 -22.14
C PRO B 64 -3.14 -31.38 -20.80
N ALA B 65 -2.41 -31.51 -19.68
CA ALA B 65 -3.02 -31.48 -18.34
C ALA B 65 -3.69 -30.14 -18.02
N ILE B 66 -3.03 -29.05 -18.38
CA ILE B 66 -3.54 -27.69 -18.15
C ILE B 66 -4.78 -27.45 -19.01
N ILE B 67 -4.67 -27.77 -20.29
CA ILE B 67 -5.81 -27.65 -21.23
C ILE B 67 -6.99 -28.47 -20.76
N SER B 68 -6.73 -29.71 -20.33
CA SER B 68 -7.79 -30.56 -19.79
C SER B 68 -8.49 -29.92 -18.60
N ALA B 69 -7.71 -29.36 -17.68
CA ALA B 69 -8.27 -28.71 -16.48
C ALA B 69 -9.16 -27.56 -16.89
N ALA B 70 -8.67 -26.77 -17.85
CA ALA B 70 -9.43 -25.64 -18.38
C ALA B 70 -10.72 -26.08 -19.06
N GLU B 71 -10.67 -27.21 -19.77
CA GLU B 71 -11.88 -27.77 -20.40
C GLU B 71 -12.90 -28.27 -19.38
N ILE B 72 -12.45 -29.11 -18.45
CA ILE B 72 -13.37 -29.75 -17.51
C ILE B 72 -14.05 -28.75 -16.57
N THR B 73 -13.38 -27.64 -16.23
CA THR B 73 -13.99 -26.62 -15.37
C THR B 73 -14.84 -25.56 -16.08
N GLY B 74 -14.88 -25.59 -17.41
CA GLY B 74 -15.65 -24.61 -18.17
C GLY B 74 -15.03 -23.21 -18.20
N ALA B 75 -13.72 -23.12 -18.07
CA ALA B 75 -13.01 -21.85 -18.11
C ALA B 75 -13.01 -21.29 -19.53
N VAL B 76 -12.77 -20.00 -19.66
CA VAL B 76 -12.72 -19.37 -20.99
C VAL B 76 -11.35 -18.81 -21.36
N ALA B 77 -10.41 -18.77 -20.41
CA ALA B 77 -9.12 -18.16 -20.64
C ALA B 77 -8.08 -18.77 -19.71
N ILE B 78 -6.82 -18.63 -20.11
CA ILE B 78 -5.69 -19.12 -19.31
C ILE B 78 -4.67 -18.00 -19.17
N HIS B 79 -4.32 -17.68 -17.93
CA HIS B 79 -3.25 -16.71 -17.64
C HIS B 79 -1.96 -17.48 -17.30
N PRO B 80 -0.91 -17.30 -18.12
CA PRO B 80 0.30 -18.09 -17.91
C PRO B 80 1.26 -17.50 -16.87
N GLY B 81 0.96 -16.31 -16.35
CA GLY B 81 1.85 -15.64 -15.41
C GLY B 81 3.20 -15.32 -16.03
N TYR B 82 4.27 -15.54 -15.27
CA TYR B 82 5.63 -15.48 -15.82
C TYR B 82 6.34 -16.81 -15.57
N GLY B 83 7.46 -17.00 -16.25
CA GLY B 83 8.14 -18.28 -16.26
C GLY B 83 7.30 -19.33 -16.95
N PHE B 84 7.52 -20.60 -16.58
CA PHE B 84 6.76 -21.75 -17.09
C PHE B 84 6.45 -21.67 -18.60
N LEU B 85 5.17 -21.53 -18.96
CA LEU B 85 4.74 -21.54 -20.36
C LEU B 85 4.39 -20.17 -20.95
N SER B 86 4.71 -19.10 -20.22
CA SER B 86 4.31 -17.74 -20.59
C SER B 86 4.96 -17.24 -21.91
N GLU B 87 6.11 -17.79 -22.26
CA GLU B 87 6.75 -17.45 -23.53
C GLU B 87 6.92 -18.68 -24.44
N ASN B 88 6.06 -19.66 -24.20
CA ASN B 88 5.97 -20.85 -25.04
C ASN B 88 4.93 -20.56 -26.11
N ALA B 89 5.39 -20.24 -27.30
CA ALA B 89 4.49 -19.90 -28.41
C ALA B 89 3.57 -21.05 -28.81
N ASN B 90 4.09 -22.29 -28.75
CA ASN B 90 3.28 -23.48 -29.04
C ASN B 90 2.11 -23.61 -28.08
N PHE B 91 2.35 -23.31 -26.81
CA PHE B 91 1.28 -23.29 -25.80
C PHE B 91 0.23 -22.22 -26.09
N ALA B 92 0.69 -21.00 -26.39
CA ALA B 92 -0.22 -19.88 -26.74
C ALA B 92 -1.10 -20.24 -27.93
N GLU B 93 -0.47 -20.83 -28.94
CA GLU B 93 -1.18 -21.31 -30.13
C GLU B 93 -2.19 -22.39 -29.78
N GLN B 94 -1.79 -23.35 -28.96
CA GLN B 94 -2.68 -24.43 -28.57
C GLN B 94 -3.89 -23.96 -27.73
N VAL B 95 -3.63 -23.03 -26.81
CA VAL B 95 -4.69 -22.46 -25.96
C VAL B 95 -5.80 -21.87 -26.85
N GLU B 96 -5.39 -21.05 -27.80
CA GLU B 96 -6.33 -20.46 -28.78
C GLU B 96 -6.96 -21.51 -29.70
N ARG B 97 -6.18 -22.48 -30.19
CA ARG B 97 -6.74 -23.57 -31.02
C ARG B 97 -7.82 -24.40 -30.28
N SER B 98 -7.63 -24.57 -28.97
CA SER B 98 -8.59 -25.30 -28.13
C SER B 98 -9.79 -24.43 -27.72
N GLY B 99 -9.85 -23.21 -28.25
CA GLY B 99 -10.99 -22.32 -28.08
C GLY B 99 -10.95 -21.41 -26.87
N PHE B 100 -9.79 -21.29 -26.23
CA PHE B 100 -9.62 -20.40 -25.08
C PHE B 100 -8.97 -19.08 -25.46
N ILE B 101 -9.24 -18.06 -24.65
CA ILE B 101 -8.46 -16.82 -24.69
C ILE B 101 -7.12 -17.06 -24.00
N PHE B 102 -6.03 -16.70 -24.66
CA PHE B 102 -4.70 -16.74 -24.05
C PHE B 102 -4.41 -15.35 -23.53
N ILE B 103 -4.13 -15.21 -22.24
CA ILE B 103 -3.82 -13.89 -21.65
C ILE B 103 -2.34 -13.54 -21.90
N GLY B 104 -2.11 -13.02 -23.10
CA GLY B 104 -0.77 -12.69 -23.58
C GLY B 104 -0.87 -12.31 -25.06
N PRO B 105 0.27 -12.18 -25.73
CA PRO B 105 0.18 -11.83 -27.14
C PRO B 105 -0.17 -13.01 -28.04
N LYS B 106 -0.36 -12.72 -29.32
CA LYS B 106 -0.45 -13.75 -30.34
C LYS B 106 0.80 -14.62 -30.35
N ALA B 107 0.62 -15.91 -30.65
CA ALA B 107 1.75 -16.85 -30.71
C ALA B 107 2.85 -16.40 -31.68
N GLU B 108 2.47 -15.86 -32.83
CA GLU B 108 3.48 -15.43 -33.80
C GLU B 108 4.33 -14.27 -33.28
N THR B 109 3.72 -13.44 -32.42
CA THR B 109 4.44 -12.37 -31.73
C THR B 109 5.41 -12.93 -30.68
N ILE B 110 4.97 -13.94 -29.92
CA ILE B 110 5.85 -14.63 -29.00
C ILE B 110 7.09 -15.19 -29.72
N ARG B 111 6.91 -15.86 -30.86
CA ARG B 111 8.09 -16.40 -31.56
C ARG B 111 8.95 -15.31 -32.20
N LEU B 112 8.33 -14.26 -32.74
CA LEU B 112 9.07 -13.13 -33.28
C LEU B 112 10.03 -12.57 -32.23
N MET B 113 9.49 -12.24 -31.07
CA MET B 113 10.29 -11.59 -30.03
C MET B 113 11.06 -12.61 -29.21
N GLY B 114 10.68 -13.87 -29.33
CA GLY B 114 11.33 -14.98 -28.63
C GLY B 114 12.69 -15.29 -29.21
N ASP B 115 12.87 -15.01 -30.50
CA ASP B 115 14.15 -15.21 -31.18
C ASP B 115 14.84 -13.87 -31.29
N LYS B 116 16.02 -13.77 -30.68
CA LYS B 116 16.63 -12.47 -30.45
C LYS B 116 17.02 -11.77 -31.76
N VAL B 117 17.52 -12.52 -32.73
CA VAL B 117 17.87 -11.96 -34.03
C VAL B 117 16.64 -11.35 -34.74
N SER B 118 15.54 -12.09 -34.83
CA SER B 118 14.34 -11.56 -35.47
C SER B 118 13.72 -10.42 -34.64
N ALA B 119 13.84 -10.52 -33.32
CA ALA B 119 13.33 -9.46 -32.44
C ALA B 119 14.06 -8.15 -32.68
N ILE B 120 15.38 -8.21 -32.71
CA ILE B 120 16.21 -7.03 -32.94
C ILE B 120 15.92 -6.41 -34.31
N ALA B 121 15.79 -7.24 -35.35
CA ALA B 121 15.46 -6.77 -36.69
C ALA B 121 14.14 -6.00 -36.71
N ALA B 122 13.14 -6.53 -36.02
CA ALA B 122 11.83 -5.88 -35.94
C ALA B 122 11.91 -4.53 -35.25
N MET B 123 12.71 -4.46 -34.18
CA MET B 123 12.85 -3.24 -33.40
C MET B 123 13.64 -2.18 -34.16
N LYS B 124 14.74 -2.59 -34.77
CA LYS B 124 15.52 -1.71 -35.63
C LYS B 124 14.61 -1.07 -36.67
N LYS B 125 13.83 -1.91 -37.36
CA LYS B 125 12.89 -1.46 -38.38
C LYS B 125 11.84 -0.48 -37.85
N ALA B 126 11.32 -0.75 -36.64
CA ALA B 126 10.30 0.11 -36.01
C ALA B 126 10.82 1.46 -35.52
N GLY B 127 12.14 1.60 -35.39
CA GLY B 127 12.75 2.86 -34.95
C GLY B 127 13.27 2.88 -33.51
N VAL B 128 13.39 1.69 -32.91
CA VAL B 128 13.88 1.55 -31.55
C VAL B 128 15.39 1.37 -31.64
N PRO B 129 16.15 2.18 -30.87
CA PRO B 129 17.60 2.03 -30.93
C PRO B 129 18.06 0.68 -30.40
N CYS B 130 18.99 0.05 -31.12
CA CYS B 130 19.52 -1.24 -30.76
C CYS B 130 21.02 -1.12 -30.55
N VAL B 131 21.63 -2.19 -30.08
CA VAL B 131 23.07 -2.20 -29.89
C VAL B 131 23.72 -2.34 -31.29
N PRO B 132 24.76 -1.55 -31.58
CA PRO B 132 25.51 -1.83 -32.81
C PRO B 132 25.93 -3.30 -32.87
N GLY B 133 25.61 -3.98 -33.97
CA GLY B 133 25.85 -5.41 -34.06
C GLY B 133 25.82 -5.96 -35.47
N SER B 134 25.82 -7.28 -35.58
CA SER B 134 25.84 -7.95 -36.88
C SER B 134 24.58 -7.72 -37.73
N ASP B 135 23.45 -7.43 -37.09
CA ASP B 135 22.17 -7.28 -37.80
C ASP B 135 21.86 -8.50 -38.66
N GLY B 136 22.09 -9.67 -38.07
CA GLY B 136 21.84 -10.93 -38.73
C GLY B 136 22.62 -12.02 -38.01
N PRO B 137 22.38 -13.28 -38.38
CA PRO B 137 23.15 -14.36 -37.77
C PRO B 137 24.59 -14.38 -38.29
N LEU B 138 25.49 -14.95 -37.50
CA LEU B 138 26.89 -15.11 -37.93
C LEU B 138 27.04 -16.45 -38.64
N GLY B 139 27.90 -16.48 -39.64
CA GLY B 139 28.22 -17.72 -40.37
C GLY B 139 29.59 -18.24 -40.04
N ASP B 140 30.12 -19.08 -40.92
CA ASP B 140 31.43 -19.73 -40.72
C ASP B 140 32.57 -18.94 -41.37
N ASP B 141 32.23 -18.05 -42.30
CA ASP B 141 33.20 -17.17 -42.95
C ASP B 141 33.79 -16.20 -41.91
N MET B 142 35.01 -16.49 -41.46
CA MET B 142 35.67 -15.70 -40.42
C MET B 142 36.16 -14.32 -40.91
N ASP B 143 36.34 -14.16 -42.21
CA ASP B 143 36.72 -12.86 -42.77
C ASP B 143 35.60 -11.84 -42.54
N LYS B 144 34.36 -12.24 -42.87
CA LYS B 144 33.19 -11.40 -42.66
C LYS B 144 32.90 -11.18 -41.17
N ASN B 145 33.07 -12.23 -40.38
CA ASN B 145 32.89 -12.12 -38.94
C ASN B 145 33.91 -11.16 -38.32
N ARG B 146 35.15 -11.22 -38.82
CA ARG B 146 36.20 -10.31 -38.38
C ARG B 146 35.89 -8.86 -38.78
N ALA B 147 35.31 -8.68 -39.96
CA ALA B 147 34.98 -7.35 -40.48
C ALA B 147 33.82 -6.70 -39.72
N ILE B 148 32.85 -7.52 -39.32
CA ILE B 148 31.73 -7.05 -38.48
C ILE B 148 32.30 -6.50 -37.16
N ALA B 149 33.14 -7.29 -36.51
CA ALA B 149 33.76 -6.90 -35.25
C ALA B 149 34.57 -5.60 -35.37
N LYS B 150 35.23 -5.43 -36.52
CA LYS B 150 36.01 -4.23 -36.81
C LYS B 150 35.10 -3.01 -37.04
N ARG B 151 34.01 -3.22 -37.77
CA ARG B 151 33.02 -2.16 -38.03
C ARG B 151 32.38 -1.71 -36.72
N ILE B 152 31.98 -2.68 -35.91
CA ILE B 152 31.38 -2.43 -34.60
C ILE B 152 32.40 -1.82 -33.64
N GLY B 153 33.59 -2.43 -33.58
CA GLY B 153 34.66 -1.99 -32.71
C GLY B 153 34.72 -2.82 -31.43
N TYR B 154 35.88 -3.42 -31.17
CA TYR B 154 36.08 -4.22 -29.96
C TYR B 154 35.99 -3.35 -28.70
N PRO B 155 35.59 -3.94 -27.56
CA PRO B 155 35.14 -5.33 -27.38
C PRO B 155 33.75 -5.59 -27.96
N VAL B 156 33.51 -6.84 -28.33
CA VAL B 156 32.22 -7.29 -28.85
C VAL B 156 31.76 -8.48 -28.03
N ILE B 157 30.50 -8.86 -28.19
CA ILE B 157 29.94 -9.99 -27.47
C ILE B 157 29.15 -10.88 -28.44
N ILE B 158 29.33 -12.19 -28.29
CA ILE B 158 28.62 -13.17 -29.10
C ILE B 158 27.44 -13.69 -28.30
N LYS B 159 26.24 -13.66 -28.90
CA LYS B 159 25.00 -14.06 -28.21
C LYS B 159 24.23 -15.14 -28.97
N ALA B 160 23.67 -16.09 -28.24
CA ALA B 160 22.73 -17.07 -28.78
C ALA B 160 21.39 -16.42 -29.11
N SER B 161 20.89 -16.65 -30.31
CA SER B 161 19.59 -16.13 -30.74
C SER B 161 18.41 -16.85 -30.08
N GLY B 162 18.55 -18.17 -29.92
CA GLY B 162 17.45 -19.01 -29.44
C GLY B 162 17.43 -19.20 -27.93
N GLY B 163 18.12 -18.34 -27.19
CA GLY B 163 18.26 -18.50 -25.76
C GLY B 163 18.36 -17.19 -25.02
N GLY B 164 18.81 -17.30 -23.77
CA GLY B 164 18.88 -16.15 -22.86
C GLY B 164 19.51 -16.58 -21.55
N GLY B 165 19.86 -15.60 -20.73
CA GLY B 165 20.58 -15.86 -19.48
C GLY B 165 22.08 -15.97 -19.73
N GLY B 166 22.78 -16.66 -18.84
CA GLY B 166 24.23 -16.75 -18.88
C GLY B 166 24.80 -17.62 -19.99
N ARG B 167 24.04 -18.65 -20.37
CA ARG B 167 24.44 -19.53 -21.47
C ARG B 167 24.38 -18.78 -22.80
N GLY B 168 25.25 -19.15 -23.73
CA GLY B 168 25.27 -18.55 -25.05
C GLY B 168 25.55 -17.06 -25.03
N MET B 169 26.55 -16.67 -24.24
CA MET B 169 27.09 -15.31 -24.24
C MET B 169 28.59 -15.38 -24.03
N ARG B 170 29.35 -14.64 -24.84
CA ARG B 170 30.81 -14.61 -24.72
C ARG B 170 31.41 -13.29 -25.15
N VAL B 171 32.11 -12.65 -24.23
CA VAL B 171 32.78 -11.38 -24.51
C VAL B 171 34.08 -11.66 -25.28
N VAL B 172 34.26 -10.95 -26.39
CA VAL B 172 35.45 -11.07 -27.23
C VAL B 172 36.14 -9.71 -27.32
N ARG B 173 37.42 -9.67 -26.94
CA ARG B 173 38.17 -8.43 -26.85
C ARG B 173 39.21 -8.23 -27.97
N GLY B 174 39.37 -9.23 -28.84
CA GLY B 174 40.30 -9.12 -29.96
C GLY B 174 40.09 -10.17 -31.04
N ASP B 175 40.73 -9.98 -32.19
CA ASP B 175 40.61 -10.90 -33.34
C ASP B 175 41.09 -12.32 -33.00
N ALA B 176 42.11 -12.42 -32.14
CA ALA B 176 42.69 -13.71 -31.77
C ALA B 176 41.71 -14.60 -30.99
N GLU B 177 40.82 -13.98 -30.22
CA GLU B 177 39.85 -14.72 -29.41
C GLU B 177 38.54 -15.01 -30.15
N LEU B 178 38.36 -14.42 -31.34
CA LEU B 178 37.07 -14.40 -32.02
C LEU B 178 36.59 -15.77 -32.52
N ALA B 179 37.41 -16.46 -33.29
CA ALA B 179 37.00 -17.71 -33.94
C ALA B 179 36.58 -18.78 -32.93
N GLN B 180 37.38 -18.98 -31.89
CA GLN B 180 37.07 -19.97 -30.85
C GLN B 180 35.80 -19.58 -30.07
N SER B 181 35.62 -18.29 -29.84
CA SER B 181 34.48 -17.79 -29.10
C SER B 181 33.15 -18.02 -29.84
N ILE B 182 33.18 -17.85 -31.16
CA ILE B 182 31.98 -18.08 -31.98
C ILE B 182 31.59 -19.57 -31.97
N SER B 183 32.58 -20.45 -32.09
CA SER B 183 32.35 -21.90 -32.08
C SER B 183 31.82 -22.39 -30.72
N MET B 184 32.40 -21.87 -29.64
CA MET B 184 32.03 -22.25 -28.29
C MET B 184 30.62 -21.78 -27.91
N THR B 185 30.30 -20.55 -28.30
CA THR B 185 28.97 -19.98 -28.04
C THR B 185 27.92 -20.69 -28.89
N ARG B 186 28.29 -21.00 -30.13
CA ARG B 186 27.47 -21.79 -31.03
C ARG B 186 27.22 -23.19 -30.47
N ALA B 187 28.26 -23.80 -29.90
CA ALA B 187 28.19 -25.14 -29.36
C ALA B 187 27.24 -25.22 -28.17
N GLU B 188 27.44 -24.33 -27.20
CA GLU B 188 26.65 -24.31 -25.97
C GLU B 188 25.22 -23.84 -26.20
N ALA B 189 25.00 -23.04 -27.25
CA ALA B 189 23.65 -22.65 -27.66
C ALA B 189 22.90 -23.86 -28.20
N LYS B 190 23.56 -24.61 -29.08
CA LYS B 190 23.00 -25.84 -29.66
C LYS B 190 22.70 -26.86 -28.55
N ALA B 191 23.66 -27.02 -27.64
CA ALA B 191 23.48 -27.92 -26.49
C ALA B 191 22.33 -27.48 -25.58
N ALA B 192 22.19 -26.18 -25.38
CA ALA B 192 21.23 -25.63 -24.42
C ALA B 192 19.84 -25.37 -25.01
N PHE B 193 19.79 -24.84 -26.23
CA PHE B 193 18.51 -24.39 -26.83
C PHE B 193 18.12 -25.11 -28.11
N SER B 194 18.86 -26.15 -28.49
CA SER B 194 18.66 -26.84 -29.77
C SER B 194 18.63 -25.84 -30.92
N ASN B 195 19.48 -24.81 -30.82
CA ASN B 195 19.58 -23.77 -31.83
C ASN B 195 20.99 -23.21 -31.76
N ASP B 196 21.74 -23.36 -32.84
CA ASP B 196 23.14 -22.97 -32.86
C ASP B 196 23.33 -21.55 -33.41
N MET B 197 22.23 -20.84 -33.68
CA MET B 197 22.35 -19.50 -34.24
C MET B 197 22.92 -18.53 -33.21
N VAL B 198 23.88 -17.73 -33.65
CA VAL B 198 24.46 -16.68 -32.81
C VAL B 198 24.51 -15.37 -33.57
N TYR B 199 24.58 -14.29 -32.81
CA TYR B 199 24.80 -12.96 -33.36
C TYR B 199 25.87 -12.23 -32.55
N MET B 200 26.26 -11.04 -33.02
CA MET B 200 27.29 -10.25 -32.38
C MET B 200 26.77 -8.85 -32.09
N GLU B 201 27.09 -8.34 -30.91
CA GLU B 201 26.80 -6.96 -30.53
C GLU B 201 28.07 -6.30 -30.04
N LYS B 202 28.11 -4.97 -30.11
CA LYS B 202 29.12 -4.19 -29.41
C LYS B 202 28.98 -4.48 -27.92
N TYR B 203 30.09 -4.76 -27.23
CA TYR B 203 30.03 -5.02 -25.79
C TYR B 203 30.00 -3.70 -25.03
N LEU B 204 28.95 -3.49 -24.23
CA LEU B 204 28.89 -2.34 -23.34
C LEU B 204 29.48 -2.73 -21.99
N GLU B 205 30.47 -1.98 -21.53
CA GLU B 205 31.29 -2.38 -20.40
C GLU B 205 30.57 -2.25 -19.06
N ASN B 206 29.96 -1.09 -18.83
CA ASN B 206 29.34 -0.78 -17.55
C ASN B 206 27.95 -0.14 -17.71
N PRO B 207 27.01 -0.89 -18.33
CA PRO B 207 25.65 -0.40 -18.55
C PRO B 207 24.74 -0.54 -17.34
N ARG B 208 23.67 0.23 -17.32
CA ARG B 208 22.53 -0.04 -16.45
C ARG B 208 21.51 -0.84 -17.25
N HIS B 209 20.72 -1.64 -16.55
CA HIS B 209 19.63 -2.38 -17.13
C HIS B 209 18.36 -1.59 -16.86
N VAL B 210 17.84 -0.96 -17.91
CA VAL B 210 16.62 -0.14 -17.82
C VAL B 210 15.59 -0.68 -18.81
N GLU B 211 14.37 -0.93 -18.32
CA GLU B 211 13.34 -1.54 -19.14
C GLU B 211 12.08 -0.68 -19.12
N ILE B 212 11.34 -0.75 -20.21
CA ILE B 212 10.14 0.02 -20.42
C ILE B 212 8.91 -0.88 -20.39
N GLN B 213 7.95 -0.56 -19.52
CA GLN B 213 6.68 -1.27 -19.48
C GLN B 213 5.73 -0.71 -20.51
N VAL B 214 5.11 -1.58 -21.30
CA VAL B 214 4.06 -1.18 -22.23
C VAL B 214 2.77 -1.96 -22.01
N LEU B 215 1.67 -1.38 -22.49
CA LEU B 215 0.38 -2.04 -22.59
C LEU B 215 -0.17 -1.71 -23.97
N ALA B 216 -0.62 -2.74 -24.67
CA ALA B 216 -1.27 -2.58 -25.96
C ALA B 216 -2.50 -3.47 -26.02
N ASP B 217 -3.54 -3.01 -26.70
CA ASP B 217 -4.78 -3.78 -26.75
C ASP B 217 -4.83 -4.73 -27.94
N GLY B 218 -3.84 -4.64 -28.84
CA GLY B 218 -3.86 -5.43 -30.06
C GLY B 218 -4.89 -4.90 -31.04
N GLN B 219 -5.44 -3.71 -30.76
CA GLN B 219 -6.43 -3.07 -31.60
C GLN B 219 -5.91 -1.74 -32.15
N GLY B 220 -4.60 -1.54 -32.12
CA GLY B 220 -4.00 -0.31 -32.62
C GLY B 220 -3.53 0.67 -31.55
N ASN B 221 -3.99 0.49 -30.30
CA ASN B 221 -3.57 1.39 -29.21
C ASN B 221 -2.47 0.77 -28.36
N ALA B 222 -1.48 1.60 -27.99
CA ALA B 222 -0.40 1.18 -27.12
C ALA B 222 0.06 2.37 -26.29
N ILE B 223 0.39 2.10 -25.02
CA ILE B 223 0.94 3.11 -24.12
C ILE B 223 2.17 2.59 -23.41
N TYR B 224 3.05 3.50 -23.00
CA TYR B 224 4.18 3.14 -22.14
C TYR B 224 3.91 3.66 -20.72
N LEU B 225 4.37 2.89 -19.74
CA LEU B 225 4.16 3.21 -18.34
C LEU B 225 5.50 3.36 -17.65
N ALA B 226 6.30 4.28 -18.17
CA ALA B 226 7.61 4.62 -17.65
C ALA B 226 8.56 3.43 -17.65
N GLU B 227 9.62 3.55 -16.86
CA GLU B 227 10.71 2.61 -16.86
C GLU B 227 10.99 2.05 -15.47
N ARG B 228 11.80 1.00 -15.44
CA ARG B 228 12.30 0.42 -14.22
C ARG B 228 13.79 0.21 -14.40
N ASP B 229 14.55 0.47 -13.34
CA ASP B 229 15.95 0.11 -13.30
C ASP B 229 16.11 -1.23 -12.54
N CYS B 230 16.71 -2.21 -13.22
CA CYS B 230 16.92 -3.55 -12.65
C CYS B 230 18.40 -3.92 -12.55
N SER B 231 19.25 -2.90 -12.47
CA SER B 231 20.71 -3.09 -12.49
C SER B 231 21.25 -3.83 -11.28
N MET B 232 20.52 -3.80 -10.15
CA MET B 232 20.95 -4.49 -8.95
C MET B 232 20.62 -5.98 -9.08
N GLN B 233 21.61 -6.71 -9.57
CA GLN B 233 21.43 -8.08 -10.01
C GLN B 233 22.74 -8.83 -9.85
N ARG B 234 22.65 -10.15 -9.83
CA ARG B 234 23.81 -11.02 -9.69
C ARG B 234 23.55 -12.26 -10.53
N ARG B 235 24.55 -12.68 -11.32
CA ARG B 235 24.46 -13.91 -12.10
C ARG B 235 23.19 -13.99 -12.95
N HIS B 236 22.84 -12.90 -13.65
CA HIS B 236 21.60 -12.82 -14.43
C HIS B 236 20.32 -13.06 -13.59
N GLN B 237 20.40 -12.80 -12.29
CA GLN B 237 19.26 -12.84 -11.38
C GLN B 237 19.08 -11.45 -10.75
N LYS B 238 17.92 -10.84 -11.00
CA LYS B 238 17.57 -9.55 -10.41
C LYS B 238 17.40 -9.67 -8.89
N VAL B 239 17.79 -8.65 -8.16
CA VAL B 239 17.70 -8.65 -6.70
C VAL B 239 16.84 -7.50 -6.18
N VAL B 240 17.09 -6.29 -6.70
CA VAL B 240 16.28 -5.12 -6.38
C VAL B 240 15.88 -4.45 -7.71
N GLU B 241 14.62 -4.01 -7.79
CA GLU B 241 14.18 -3.20 -8.91
C GLU B 241 13.58 -1.92 -8.38
N GLU B 242 13.58 -0.87 -9.19
CA GLU B 242 13.01 0.40 -8.76
C GLU B 242 12.45 1.18 -9.95
N ALA B 243 11.47 2.04 -9.68
CA ALA B 243 10.87 2.89 -10.70
C ALA B 243 10.56 4.25 -10.08
N PRO B 244 10.75 5.34 -10.83
CA PRO B 244 11.48 5.40 -12.11
C PRO B 244 12.99 5.13 -11.94
N ALA B 245 13.72 5.12 -13.05
CA ALA B 245 15.18 4.94 -13.04
C ALA B 245 15.84 6.25 -12.63
N PRO B 246 16.66 6.24 -11.56
CA PRO B 246 17.34 7.47 -11.18
C PRO B 246 18.10 8.11 -12.33
N GLY B 247 17.98 9.43 -12.48
CA GLY B 247 18.71 10.14 -13.52
C GLY B 247 18.01 10.25 -14.86
N ILE B 248 17.04 9.40 -15.14
CA ILE B 248 16.30 9.50 -16.39
C ILE B 248 15.38 10.73 -16.28
N THR B 249 15.50 11.64 -17.24
CA THR B 249 14.69 12.85 -17.28
C THR B 249 13.36 12.54 -17.92
N PRO B 250 12.36 13.42 -17.73
CA PRO B 250 11.08 13.26 -18.44
C PRO B 250 11.20 13.27 -19.96
N GLU B 251 12.12 14.06 -20.51
CA GLU B 251 12.27 14.13 -21.98
C GLU B 251 12.88 12.85 -22.55
N LEU B 252 13.78 12.23 -21.79
CA LEU B 252 14.39 10.96 -22.15
C LEU B 252 13.40 9.79 -21.99
N ARG B 253 12.60 9.86 -20.92
CA ARG B 253 11.50 8.91 -20.69
C ARG B 253 10.53 8.90 -21.88
N ARG B 254 10.08 10.07 -22.30
CA ARG B 254 9.11 10.13 -23.40
C ARG B 254 9.75 9.83 -24.76
N TYR B 255 11.02 10.18 -24.94
CA TYR B 255 11.77 9.76 -26.13
C TYR B 255 11.67 8.24 -26.34
N ILE B 256 12.17 7.48 -25.36
CA ILE B 256 12.26 6.02 -25.47
C ILE B 256 10.88 5.35 -25.35
N GLY B 257 10.02 5.89 -24.49
CA GLY B 257 8.65 5.41 -24.34
C GLY B 257 7.82 5.47 -25.62
N GLU B 258 7.88 6.61 -26.32
CA GLU B 258 7.15 6.78 -27.57
C GLU B 258 7.63 5.78 -28.64
N ARG B 259 8.93 5.50 -28.66
CA ARG B 259 9.48 4.52 -29.60
C ARG B 259 9.01 3.10 -29.32
N CYS B 260 8.91 2.74 -28.04
CA CYS B 260 8.43 1.42 -27.65
C CYS B 260 6.95 1.26 -28.00
N ALA B 261 6.17 2.30 -27.73
CA ALA B 261 4.74 2.31 -28.05
C ALA B 261 4.49 2.18 -29.56
N LYS B 262 5.27 2.90 -30.37
CA LYS B 262 5.19 2.75 -31.83
C LYS B 262 5.58 1.35 -32.27
N ALA B 263 6.62 0.78 -31.64
CA ALA B 263 7.02 -0.59 -31.95
C ALA B 263 5.87 -1.57 -31.71
N CYS B 264 5.15 -1.40 -30.60
CA CYS B 264 3.97 -2.23 -30.30
C CYS B 264 2.93 -2.21 -31.41
N VAL B 265 2.64 -1.01 -31.93
CA VAL B 265 1.71 -0.88 -33.06
C VAL B 265 2.27 -1.61 -34.29
N ASP B 266 3.55 -1.41 -34.56
CA ASP B 266 4.21 -1.99 -35.72
C ASP B 266 4.21 -3.53 -35.72
N ILE B 267 4.44 -4.16 -34.56
CA ILE B 267 4.47 -5.63 -34.46
C ILE B 267 3.11 -6.26 -34.08
N GLY B 268 2.07 -5.43 -33.93
CA GLY B 268 0.74 -5.93 -33.60
C GLY B 268 0.65 -6.45 -32.17
N TYR B 269 1.42 -5.86 -31.25
CA TYR B 269 1.51 -6.39 -29.89
C TYR B 269 0.17 -6.30 -29.15
N ARG B 270 -0.10 -7.33 -28.36
CA ARG B 270 -1.31 -7.41 -27.57
C ARG B 270 -0.95 -7.84 -26.14
N GLY B 271 -1.33 -6.99 -25.19
CA GLY B 271 -1.17 -7.27 -23.78
C GLY B 271 -0.08 -6.45 -23.14
N ALA B 272 0.36 -6.93 -21.97
CA ALA B 272 1.46 -6.34 -21.26
C ALA B 272 2.75 -6.90 -21.85
N GLY B 273 3.75 -6.04 -21.91
CA GLY B 273 5.06 -6.43 -22.40
C GLY B 273 6.11 -5.50 -21.84
N THR B 274 7.38 -5.91 -21.96
CA THR B 274 8.49 -5.10 -21.46
C THR B 274 9.59 -5.07 -22.50
N PHE B 275 10.08 -3.88 -22.81
CA PHE B 275 11.25 -3.72 -23.69
C PHE B 275 12.48 -3.51 -22.82
N GLU B 276 13.44 -4.42 -22.90
CA GLU B 276 14.68 -4.33 -22.10
C GLU B 276 15.77 -3.58 -22.87
N PHE B 277 16.36 -2.61 -22.19
CA PHE B 277 17.46 -1.83 -22.72
C PHE B 277 18.69 -1.91 -21.82
N LEU B 278 19.86 -1.75 -22.45
CA LEU B 278 21.07 -1.37 -21.75
C LEU B 278 21.18 0.14 -21.92
N PHE B 279 21.49 0.82 -20.82
CA PHE B 279 21.56 2.27 -20.82
C PHE B 279 22.96 2.65 -20.36
N GLU B 280 23.69 3.37 -21.21
CA GLU B 280 25.05 3.77 -20.90
C GLU B 280 25.37 5.08 -21.61
N ASN B 281 26.05 5.98 -20.91
CA ASN B 281 26.41 7.30 -21.43
C ASN B 281 25.19 8.01 -22.01
N GLY B 282 24.09 8.02 -21.25
CA GLY B 282 22.87 8.70 -21.68
C GLY B 282 22.13 8.12 -22.88
N GLU B 283 22.52 6.93 -23.33
CA GLU B 283 21.96 6.32 -24.55
C GLU B 283 21.35 4.93 -24.27
N PHE B 284 20.18 4.68 -24.87
CA PHE B 284 19.45 3.41 -24.73
C PHE B 284 19.76 2.46 -25.90
N TYR B 285 19.95 1.18 -25.58
CA TYR B 285 20.18 0.14 -26.58
C TYR B 285 19.32 -1.09 -26.29
N PHE B 286 18.36 -1.37 -27.17
CA PHE B 286 17.49 -2.53 -27.01
C PHE B 286 18.28 -3.85 -27.06
N ILE B 287 17.99 -4.76 -26.13
CA ILE B 287 18.58 -6.11 -26.18
C ILE B 287 17.53 -7.22 -26.28
N GLU B 288 16.38 -7.07 -25.60
CA GLU B 288 15.29 -8.04 -25.73
C GLU B 288 13.94 -7.55 -25.21
N MET B 289 12.89 -8.26 -25.64
CA MET B 289 11.53 -8.00 -25.20
C MET B 289 10.97 -9.22 -24.49
N ASN B 290 10.35 -8.98 -23.35
CA ASN B 290 9.66 -10.00 -22.59
C ASN B 290 8.18 -9.86 -22.90
N THR B 291 7.60 -10.89 -23.50
CA THR B 291 6.23 -10.83 -24.00
C THR B 291 5.29 -11.44 -22.98
N ARG B 292 5.22 -10.82 -21.81
CA ARG B 292 4.48 -11.32 -20.66
C ARG B 292 4.56 -10.30 -19.53
N ILE B 293 3.78 -10.50 -18.47
CA ILE B 293 3.99 -9.75 -17.23
C ILE B 293 5.29 -10.24 -16.57
N GLN B 294 5.92 -9.37 -15.78
CA GLN B 294 7.19 -9.69 -15.12
C GLN B 294 7.08 -9.64 -13.60
N VAL B 295 8.02 -10.30 -12.94
CA VAL B 295 8.13 -10.29 -11.47
C VAL B 295 8.00 -8.87 -10.93
N GLU B 296 8.77 -7.96 -11.53
CA GLU B 296 8.93 -6.59 -11.02
C GLU B 296 7.82 -5.59 -11.40
N HIS B 297 6.74 -6.07 -12.01
CA HIS B 297 5.62 -5.19 -12.40
C HIS B 297 5.11 -4.25 -11.29
N PRO B 298 5.09 -4.70 -10.01
CA PRO B 298 4.57 -3.83 -8.96
C PRO B 298 5.18 -2.43 -8.78
N VAL B 299 6.49 -2.27 -9.03
CA VAL B 299 7.09 -0.92 -8.91
C VAL B 299 6.47 0.08 -9.88
N THR B 300 6.17 -0.37 -11.10
CA THR B 300 5.45 0.44 -12.10
C THR B 300 4.02 0.77 -11.69
N GLU B 301 3.33 -0.21 -11.11
CA GLU B 301 1.97 0.01 -10.62
C GLU B 301 1.96 1.11 -9.55
N MET B 302 2.92 1.05 -8.63
CA MET B 302 2.99 2.02 -7.54
C MET B 302 3.15 3.47 -8.03
N ILE B 303 3.99 3.70 -9.04
CA ILE B 303 4.27 5.05 -9.51
C ILE B 303 3.30 5.59 -10.60
N THR B 304 2.48 4.72 -11.19
CA THR B 304 1.47 5.13 -12.18
C THR B 304 0.02 4.98 -11.73
N GLY B 305 -0.21 4.16 -10.71
CA GLY B 305 -1.58 3.81 -10.29
C GLY B 305 -2.28 2.79 -11.20
N VAL B 306 -1.59 2.29 -12.22
CA VAL B 306 -2.20 1.35 -13.15
C VAL B 306 -2.10 -0.08 -12.58
N ASP B 307 -3.22 -0.80 -12.58
CA ASP B 307 -3.26 -2.22 -12.19
C ASP B 307 -2.98 -3.05 -13.45
N LEU B 308 -1.75 -3.50 -13.58
CA LEU B 308 -1.28 -4.10 -14.83
C LEU B 308 -1.94 -5.46 -15.11
N ILE B 309 -2.21 -6.22 -14.04
CA ILE B 309 -2.87 -7.52 -14.17
C ILE B 309 -4.32 -7.30 -14.61
N LYS B 310 -5.03 -6.38 -13.96
CA LYS B 310 -6.39 -6.05 -14.39
C LYS B 310 -6.44 -5.61 -15.84
N GLU B 311 -5.46 -4.81 -16.26
CA GLU B 311 -5.40 -4.38 -17.65
C GLU B 311 -5.16 -5.53 -18.60
N GLN B 312 -4.33 -6.49 -18.23
CA GLN B 312 -4.17 -7.72 -19.03
C GLN B 312 -5.50 -8.43 -19.24
N LEU B 313 -6.30 -8.47 -18.18
CA LEU B 313 -7.54 -9.21 -18.18
C LEU B 313 -8.61 -8.49 -18.99
N ARG B 314 -8.62 -7.16 -18.92
CA ARG B 314 -9.54 -6.32 -19.72
C ARG B 314 -9.19 -6.42 -21.20
N ILE B 315 -7.90 -6.33 -21.51
CA ILE B 315 -7.43 -6.49 -22.88
C ILE B 315 -7.80 -7.86 -23.41
N ALA B 316 -7.59 -8.90 -22.59
CA ALA B 316 -7.89 -10.27 -22.98
C ALA B 316 -9.38 -10.48 -23.28
N ALA B 317 -10.24 -9.76 -22.56
CA ALA B 317 -11.68 -9.78 -22.78
C ALA B 317 -12.12 -8.94 -23.96
N GLY B 318 -11.17 -8.39 -24.74
CA GLY B 318 -11.50 -7.67 -25.97
C GLY B 318 -11.75 -6.18 -25.78
N GLN B 319 -11.42 -5.65 -24.61
CA GLN B 319 -11.61 -4.23 -24.34
C GLN B 319 -10.44 -3.39 -24.86
N PRO B 320 -10.74 -2.32 -25.62
CA PRO B 320 -9.64 -1.46 -26.07
C PRO B 320 -9.05 -0.70 -24.87
N LEU B 321 -7.83 -0.20 -24.99
CA LEU B 321 -7.28 0.57 -23.87
C LEU B 321 -8.19 1.76 -23.59
N SER B 322 -8.52 1.95 -22.31
CA SER B 322 -9.27 3.13 -21.87
C SER B 322 -8.30 4.21 -21.40
N ILE B 323 -7.10 3.79 -21.00
CA ILE B 323 -6.04 4.70 -20.55
C ILE B 323 -5.35 5.31 -21.75
N LYS B 324 -5.35 6.64 -21.83
CA LYS B 324 -4.67 7.39 -22.89
C LYS B 324 -3.29 7.80 -22.38
N GLN B 325 -2.33 7.98 -23.27
CA GLN B 325 -0.94 8.23 -22.86
C GLN B 325 -0.81 9.49 -22.02
N GLU B 326 -1.53 10.54 -22.42
CA GLU B 326 -1.55 11.81 -21.68
C GLU B 326 -2.09 11.66 -20.24
N GLU B 327 -2.77 10.55 -19.95
CA GLU B 327 -3.32 10.27 -18.62
C GLU B 327 -2.33 9.50 -17.72
N VAL B 328 -1.20 9.07 -18.28
CA VAL B 328 -0.19 8.33 -17.54
C VAL B 328 0.79 9.32 -16.94
N HIS B 329 0.96 9.28 -15.63
CA HIS B 329 1.87 10.19 -14.94
C HIS B 329 2.73 9.42 -13.92
N VAL B 330 4.04 9.66 -13.97
CA VAL B 330 4.96 9.16 -12.97
C VAL B 330 4.83 10.03 -11.73
N ARG B 331 4.64 9.39 -10.58
CA ARG B 331 4.52 10.09 -9.34
C ARG B 331 5.18 9.26 -8.25
N GLY B 332 6.08 9.88 -7.50
CA GLY B 332 6.79 9.20 -6.42
C GLY B 332 7.80 8.22 -6.97
N HIS B 333 8.16 7.26 -6.12
CA HIS B 333 9.22 6.33 -6.39
C HIS B 333 8.95 5.04 -5.62
N ALA B 334 9.27 3.92 -6.24
CA ALA B 334 9.06 2.62 -5.63
C ALA B 334 10.28 1.72 -5.79
N VAL B 335 10.58 0.95 -4.74
CA VAL B 335 11.67 -0.01 -4.71
C VAL B 335 11.10 -1.38 -4.36
N GLU B 336 11.55 -2.41 -5.10
CA GLU B 336 11.19 -3.79 -4.82
C GLU B 336 12.41 -4.61 -4.45
N CYS B 337 12.31 -5.30 -3.33
CA CYS B 337 13.27 -6.31 -2.91
C CYS B 337 12.65 -7.68 -3.08
N ARG B 338 13.26 -8.52 -3.91
CA ARG B 338 12.86 -9.92 -4.02
C ARG B 338 13.32 -10.67 -2.78
N ILE B 339 12.41 -11.47 -2.23
CA ILE B 339 12.69 -12.30 -1.06
C ILE B 339 12.79 -13.76 -1.54
N ASN B 340 13.98 -14.33 -1.33
CA ASN B 340 14.35 -15.64 -1.84
C ASN B 340 14.68 -16.57 -0.70
N ALA B 341 14.22 -17.82 -0.79
CA ALA B 341 14.56 -18.88 0.15
C ALA B 341 15.91 -19.50 -0.21
N GLU B 342 16.97 -18.83 0.22
CA GLU B 342 18.34 -19.21 -0.10
C GLU B 342 19.29 -18.55 0.91
N ASP B 343 20.49 -19.09 1.04
CA ASP B 343 21.44 -18.54 2.01
C ASP B 343 21.85 -17.13 1.55
N PRO B 344 21.80 -16.14 2.48
CA PRO B 344 22.12 -14.75 2.11
C PRO B 344 23.57 -14.50 1.73
N ASN B 345 24.43 -15.51 1.92
CA ASN B 345 25.84 -15.45 1.54
C ASN B 345 26.23 -16.46 0.45
N THR B 346 25.86 -17.74 0.62
CA THR B 346 26.24 -18.79 -0.36
C THR B 346 25.19 -19.06 -1.43
N PHE B 347 23.95 -18.64 -1.16
CA PHE B 347 22.82 -18.88 -2.08
C PHE B 347 22.55 -20.37 -2.38
N LEU B 348 22.86 -21.22 -1.41
CA LEU B 348 22.33 -22.58 -1.37
C LEU B 348 20.83 -22.46 -1.13
N PRO B 349 20.01 -23.19 -1.92
CA PRO B 349 18.57 -23.09 -1.68
C PRO B 349 18.18 -23.57 -0.28
N SER B 350 17.15 -22.96 0.28
CA SER B 350 16.64 -23.28 1.60
C SER B 350 15.14 -23.52 1.52
N PRO B 351 14.74 -24.66 0.91
CA PRO B 351 13.36 -25.10 1.08
C PRO B 351 13.10 -25.53 2.52
N GLY B 352 11.84 -25.58 2.89
CA GLY B 352 11.44 -26.12 4.18
C GLY B 352 10.27 -25.39 4.82
N LYS B 353 9.96 -25.80 6.04
CA LYS B 353 8.81 -25.28 6.76
C LYS B 353 9.13 -23.92 7.40
N ILE B 354 8.29 -22.95 7.09
CA ILE B 354 8.33 -21.65 7.73
C ILE B 354 7.62 -21.80 9.08
N THR B 355 8.38 -21.72 10.16
CA THR B 355 7.87 -22.00 11.50
C THR B 355 7.37 -20.75 12.20
N ARG B 356 7.77 -19.58 11.70
CA ARG B 356 7.24 -18.32 12.17
C ARG B 356 7.28 -17.31 11.04
N PHE B 357 6.18 -16.60 10.87
CA PHE B 357 6.06 -15.59 9.82
C PHE B 357 5.33 -14.35 10.28
N HIS B 358 5.95 -13.20 10.05
CA HIS B 358 5.29 -11.92 10.23
C HIS B 358 5.62 -10.99 9.08
N ALA B 359 4.57 -10.45 8.46
CA ALA B 359 4.74 -9.52 7.36
C ALA B 359 4.82 -8.07 7.85
N PRO B 360 5.62 -7.25 7.15
CA PRO B 360 5.70 -5.85 7.49
C PRO B 360 4.44 -5.11 7.05
N GLY B 361 4.15 -3.99 7.72
CA GLY B 361 3.01 -3.16 7.32
C GLY B 361 3.43 -1.70 7.26
N GLY B 362 2.43 -0.84 7.10
CA GLY B 362 2.64 0.58 7.14
C GLY B 362 2.31 1.26 5.83
N PHE B 363 2.33 2.59 5.89
CA PHE B 363 2.01 3.44 4.76
C PHE B 363 3.08 3.26 3.68
N GLY B 364 2.66 3.00 2.45
CA GLY B 364 3.60 2.82 1.33
C GLY B 364 4.26 1.45 1.25
N VAL B 365 3.84 0.51 2.11
CA VAL B 365 4.42 -0.84 2.18
C VAL B 365 3.47 -1.86 1.53
N ARG B 366 3.97 -2.56 0.53
CA ARG B 366 3.18 -3.57 -0.20
C ARG B 366 3.90 -4.91 -0.16
N TRP B 367 3.21 -5.91 0.38
CA TRP B 367 3.73 -7.26 0.52
C TRP B 367 3.04 -8.21 -0.48
N GLU B 368 3.86 -8.85 -1.32
CA GLU B 368 3.39 -9.76 -2.37
C GLU B 368 4.00 -11.13 -2.15
N SER B 369 3.25 -12.01 -1.49
CA SER B 369 3.73 -13.36 -1.20
C SER B 369 2.62 -14.30 -0.78
N HIS B 370 2.80 -15.57 -1.15
CA HIS B 370 1.90 -16.65 -0.76
C HIS B 370 2.27 -17.30 0.57
N ILE B 371 3.41 -16.92 1.15
CA ILE B 371 3.87 -17.63 2.33
C ILE B 371 3.06 -17.30 3.59
N TYR B 372 3.08 -18.23 4.52
CA TYR B 372 2.37 -18.08 5.78
C TYR B 372 2.98 -19.00 6.79
N ALA B 373 2.76 -18.72 8.07
CA ALA B 373 3.33 -19.56 9.12
C ALA B 373 2.79 -20.98 9.02
N GLY B 374 3.71 -21.94 8.94
CA GLY B 374 3.37 -23.34 8.80
C GLY B 374 3.46 -23.87 7.38
N TYR B 375 3.60 -22.96 6.41
CA TYR B 375 3.76 -23.31 5.00
C TYR B 375 5.16 -23.87 4.73
N THR B 376 5.23 -24.92 3.91
CA THR B 376 6.51 -25.48 3.47
C THR B 376 6.82 -25.01 2.07
N VAL B 377 7.97 -24.37 1.94
CA VAL B 377 8.53 -23.98 0.66
C VAL B 377 9.10 -25.25 0.02
N PRO B 378 8.51 -25.72 -1.10
CA PRO B 378 8.97 -27.00 -1.63
C PRO B 378 10.35 -26.87 -2.32
N PRO B 379 11.07 -27.97 -2.41
CA PRO B 379 12.38 -27.97 -3.10
C PRO B 379 12.30 -27.96 -4.64
N TYR B 380 11.11 -28.16 -5.20
CA TYR B 380 10.96 -28.39 -6.65
C TYR B 380 10.97 -27.14 -7.54
N TYR B 381 10.72 -25.96 -6.96
CA TYR B 381 10.49 -24.74 -7.75
C TYR B 381 11.53 -23.64 -7.46
N ASP B 382 11.34 -22.45 -8.01
CA ASP B 382 12.31 -21.36 -7.90
C ASP B 382 12.40 -20.88 -6.44
N SER B 383 13.46 -20.16 -6.13
CA SER B 383 13.70 -19.73 -4.74
C SER B 383 12.88 -18.51 -4.32
N MET B 384 12.41 -17.71 -5.27
CA MET B 384 11.70 -16.49 -4.87
C MET B 384 10.37 -16.86 -4.20
N ILE B 385 10.23 -16.47 -2.95
CA ILE B 385 9.01 -16.73 -2.17
C ILE B 385 8.15 -15.48 -1.90
N GLY B 386 8.66 -14.29 -2.17
CA GLY B 386 7.89 -13.08 -1.98
C GLY B 386 8.60 -11.85 -2.53
N LYS B 387 7.86 -10.75 -2.57
CA LYS B 387 8.38 -9.46 -3.01
C LYS B 387 7.89 -8.40 -2.06
N LEU B 388 8.82 -7.60 -1.57
CA LEU B 388 8.49 -6.46 -0.72
C LEU B 388 8.68 -5.20 -1.52
N ILE B 389 7.60 -4.42 -1.64
CA ILE B 389 7.60 -3.22 -2.45
C ILE B 389 7.25 -2.00 -1.59
N CYS B 390 8.17 -1.04 -1.56
CA CYS B 390 7.93 0.19 -0.81
C CYS B 390 7.92 1.40 -1.73
N TYR B 391 6.90 2.22 -1.50
CA TYR B 391 6.65 3.45 -2.25
C TYR B 391 6.84 4.68 -1.36
N GLY B 392 7.30 5.76 -1.95
CA GLY B 392 7.25 7.07 -1.30
C GLY B 392 7.15 8.20 -2.28
N GLU B 393 6.88 9.40 -1.78
CA GLU B 393 6.83 10.61 -2.63
C GLU B 393 8.17 10.90 -3.30
N ASN B 394 9.24 10.36 -2.74
CA ASN B 394 10.54 10.36 -3.41
C ASN B 394 11.35 9.09 -3.09
N ARG B 395 12.47 8.94 -3.77
CA ARG B 395 13.31 7.75 -3.64
C ARG B 395 13.84 7.54 -2.22
N ASP B 396 14.28 8.61 -1.55
CA ASP B 396 14.79 8.48 -0.17
C ASP B 396 13.71 7.95 0.79
N VAL B 397 12.47 8.40 0.62
CA VAL B 397 11.37 7.89 1.43
C VAL B 397 11.11 6.40 1.16
N ALA B 398 11.07 6.01 -0.11
CA ALA B 398 10.91 4.61 -0.51
C ALA B 398 11.96 3.72 0.14
N ILE B 399 13.22 4.17 0.11
CA ILE B 399 14.33 3.42 0.69
C ILE B 399 14.22 3.34 2.23
N ALA B 400 13.89 4.45 2.87
CA ALA B 400 13.67 4.49 4.32
C ALA B 400 12.60 3.50 4.76
N ARG B 401 11.50 3.46 4.01
CA ARG B 401 10.41 2.55 4.30
C ARG B 401 10.84 1.10 4.07
N MET B 402 11.64 0.86 3.03
CA MET B 402 12.13 -0.50 2.75
C MET B 402 13.00 -0.98 3.91
N LYS B 403 13.86 -0.10 4.40
CA LYS B 403 14.71 -0.43 5.56
C LYS B 403 13.87 -0.87 6.76
N ASN B 404 12.82 -0.12 7.06
CA ASN B 404 11.91 -0.41 8.17
C ASN B 404 11.13 -1.71 7.96
N ALA B 405 10.60 -1.87 6.75
CA ALA B 405 9.81 -3.05 6.40
C ALA B 405 10.64 -4.35 6.52
N LEU B 406 11.86 -4.31 6.02
CA LEU B 406 12.77 -5.46 6.06
C LEU B 406 13.08 -5.89 7.50
N GLN B 407 13.19 -4.92 8.41
CA GLN B 407 13.41 -5.21 9.83
C GLN B 407 12.21 -5.86 10.50
N GLU B 408 11.00 -5.54 10.04
CA GLU B 408 9.79 -6.15 10.60
C GLU B 408 9.51 -7.54 10.08
N LEU B 409 10.05 -7.82 8.89
CA LEU B 409 9.79 -9.07 8.21
C LEU B 409 10.44 -10.22 8.96
N ILE B 410 9.62 -11.17 9.40
CA ILE B 410 10.11 -12.38 10.06
C ILE B 410 9.77 -13.60 9.20
N ILE B 411 10.82 -14.36 8.85
CA ILE B 411 10.68 -15.65 8.15
C ILE B 411 11.68 -16.60 8.79
N ASP B 412 11.19 -17.46 9.68
CA ASP B 412 12.04 -18.39 10.44
C ASP B 412 11.82 -19.80 9.91
N GLY B 413 12.84 -20.64 10.04
CA GLY B 413 12.76 -22.04 9.63
C GLY B 413 13.52 -22.33 8.35
N ILE B 414 13.74 -21.29 7.56
CA ILE B 414 14.51 -21.38 6.31
C ILE B 414 15.42 -20.17 6.22
N LYS B 415 16.51 -20.29 5.46
CA LYS B 415 17.38 -19.15 5.18
C LYS B 415 16.75 -18.28 4.11
N THR B 416 16.92 -16.97 4.24
CA THR B 416 16.48 -16.02 3.22
C THR B 416 17.58 -15.01 2.91
N ASN B 417 17.37 -14.22 1.86
CA ASN B 417 18.27 -13.13 1.49
C ASN B 417 17.91 -11.76 2.13
N VAL B 418 17.05 -11.77 3.14
CA VAL B 418 16.62 -10.51 3.79
C VAL B 418 17.82 -9.70 4.29
N ASP B 419 18.78 -10.37 4.92
CA ASP B 419 19.99 -9.72 5.43
C ASP B 419 20.82 -9.11 4.30
N LEU B 420 20.89 -9.78 3.15
CA LEU B 420 21.45 -9.17 1.95
C LEU B 420 20.71 -7.88 1.56
N GLN B 421 19.39 -7.93 1.55
CA GLN B 421 18.59 -6.77 1.14
C GLN B 421 18.80 -5.59 2.09
N ILE B 422 18.90 -5.88 3.38
CA ILE B 422 19.19 -4.86 4.37
C ILE B 422 20.55 -4.19 4.07
N ARG B 423 21.54 -5.01 3.76
CA ARG B 423 22.87 -4.53 3.36
C ARG B 423 22.81 -3.63 2.13
N ILE B 424 22.02 -4.02 1.13
CA ILE B 424 21.92 -3.23 -0.08
C ILE B 424 21.26 -1.88 0.18
N MET B 425 20.19 -1.86 0.96
CA MET B 425 19.50 -0.59 1.30
C MET B 425 20.42 0.36 2.04
N ASN B 426 21.32 -0.20 2.84
CA ASN B 426 22.31 0.56 3.61
C ASN B 426 23.56 0.96 2.82
N ASP B 427 23.65 0.50 1.57
CA ASP B 427 24.83 0.76 0.71
C ASP B 427 24.83 2.21 0.20
N GLU B 428 25.95 2.91 0.42
CA GLU B 428 26.03 4.35 0.10
C GLU B 428 25.91 4.61 -1.39
N ASN B 429 26.44 3.70 -2.20
CA ASN B 429 26.39 3.84 -3.65
C ASN B 429 24.96 3.62 -4.15
N PHE B 430 24.31 2.60 -3.61
CA PHE B 430 22.88 2.39 -3.88
C PHE B 430 22.08 3.61 -3.45
N GLN B 431 22.31 4.11 -2.24
CA GLN B 431 21.63 5.32 -1.75
C GLN B 431 21.81 6.55 -2.65
N HIS B 432 23.02 6.70 -3.22
CA HIS B 432 23.27 7.73 -4.23
C HIS B 432 22.42 7.48 -5.48
N GLY B 433 22.38 6.22 -5.92
CA GLY B 433 21.57 5.81 -7.08
C GLY B 433 22.41 5.67 -8.33
N GLY B 434 21.87 4.96 -9.32
CA GLY B 434 22.51 4.84 -10.63
C GLY B 434 23.66 3.86 -10.77
N THR B 435 23.78 2.91 -9.85
CA THR B 435 24.81 1.88 -9.97
C THR B 435 24.54 0.97 -11.18
N ASN B 436 25.62 0.41 -11.73
CA ASN B 436 25.54 -0.43 -12.93
C ASN B 436 25.30 -1.91 -12.63
N ILE B 437 25.21 -2.71 -13.70
CA ILE B 437 24.87 -4.12 -13.56
C ILE B 437 25.94 -4.96 -12.85
N HIS B 438 27.15 -4.42 -12.75
CA HIS B 438 28.26 -5.15 -12.13
C HIS B 438 28.44 -4.82 -10.66
N TYR B 439 27.72 -3.81 -10.17
CA TYR B 439 27.93 -3.36 -8.80
C TYR B 439 27.81 -4.46 -7.73
N LEU B 440 26.70 -5.21 -7.74
CA LEU B 440 26.45 -6.19 -6.66
C LEU B 440 27.52 -7.25 -6.61
N GLU B 441 27.87 -7.79 -7.77
CA GLU B 441 28.87 -8.85 -7.89
C GLU B 441 30.25 -8.41 -7.35
N LYS B 442 30.62 -7.15 -7.57
CA LYS B 442 31.88 -6.65 -7.01
C LYS B 442 31.78 -6.23 -5.54
N LYS B 443 30.60 -5.74 -5.10
CA LYS B 443 30.38 -5.48 -3.66
C LYS B 443 30.56 -6.77 -2.83
N LEU B 444 29.98 -7.86 -3.31
CA LEU B 444 30.10 -9.16 -2.64
C LEU B 444 31.43 -9.88 -2.95
N GLY B 445 32.33 -9.23 -3.68
CA GLY B 445 33.63 -9.82 -4.02
C GLY B 445 34.54 -9.97 -2.84
O2 OA2 C . -24.21 15.33 17.74
C1 OA2 C . -25.20 14.73 17.32
C3 OA2 C . -26.33 15.61 16.84
O4 OA2 C . -26.02 16.93 17.02
C6 OA2 C . -27.11 17.56 16.54
N8 OA2 C . -27.20 18.90 16.54
N7 OA2 C . -28.06 16.75 16.03
C5 OA2 C . -27.58 15.50 16.23
N13 OA2 C . -25.21 13.38 17.30
C10 OA2 C . -24.15 12.60 17.94
C9 OA2 C . -23.40 11.78 16.91
C11 OA2 C . -23.34 10.38 17.03
C14 OA2 C . -22.65 9.63 16.07
C17 OA2 C . -22.04 10.27 15.00
C15 OA2 C . -22.11 11.65 14.87
C12 OA2 C . -22.81 12.41 15.82
C16 OA2 C . -26.22 12.55 16.69
C18 OA2 C . -27.13 11.93 17.72
C19 OA2 C . -27.32 12.50 18.97
C21 OA2 C . -28.17 11.90 19.89
C23 OA2 C . -28.84 10.72 19.56
C22 OA2 C . -28.64 10.14 18.32
C20 OA2 C . -27.78 10.75 17.40
CL CL D . -9.64 8.96 17.40
O2 OA2 E . 23.62 -8.39 -22.56
C1 OA2 E . 24.65 -8.01 -22.00
C3 OA2 E . 25.51 -7.07 -22.82
O4 OA2 E . 25.03 -6.89 -24.09
C6 OA2 E . 25.94 -6.02 -24.61
N8 OA2 E . 25.83 -5.57 -25.88
N7 OA2 E . 26.94 -5.65 -23.80
C5 OA2 E . 26.68 -6.31 -22.65
N13 OA2 E . 24.88 -8.40 -20.73
C10 OA2 E . 26.00 -7.97 -19.88
C9 OA2 E . 27.09 -9.02 -19.75
C11 OA2 E . 27.86 -9.03 -18.58
C14 OA2 E . 28.86 -9.98 -18.40
C17 OA2 E . 29.12 -10.93 -19.39
C15 OA2 E . 28.36 -10.92 -20.56
C12 OA2 E . 27.35 -9.97 -20.74
C16 OA2 E . 24.00 -9.34 -20.05
C18 OA2 E . 23.16 -8.67 -18.98
C19 OA2 E . 23.21 -9.11 -17.67
C21 OA2 E . 22.43 -8.48 -16.69
C23 OA2 E . 21.62 -7.42 -17.03
C22 OA2 E . 21.56 -6.98 -18.34
C20 OA2 E . 22.34 -7.61 -19.32
CL CL F . 9.83 -12.05 -15.01
#